data_7JQS
# 
_entry.id   7JQS 
# 
_audit_conform.dict_name       mmcif_pdbx.dic 
_audit_conform.dict_version    5.380 
_audit_conform.dict_location   http://mmcif.pdb.org/dictionaries/ascii/mmcif_pdbx.dic 
# 
loop_
_database_2.database_id 
_database_2.database_code 
_database_2.pdbx_database_accession 
_database_2.pdbx_DOI 
PDB   7JQS         pdb_00007jqs 10.2210/pdb7jqs/pdb 
WWPDB D_1000251237 ?            ?                   
# 
_pdbx_database_status.status_code                     REL 
_pdbx_database_status.status_code_sf                  REL 
_pdbx_database_status.status_code_mr                  ? 
_pdbx_database_status.entry_id                        7JQS 
_pdbx_database_status.recvd_initial_deposition_date   2020-08-11 
_pdbx_database_status.SG_entry                        N 
_pdbx_database_status.deposit_site                    RCSB 
_pdbx_database_status.process_site                    RCSB 
_pdbx_database_status.status_code_cs                  ? 
_pdbx_database_status.status_code_nmr_data            ? 
_pdbx_database_status.methods_development_category    ? 
_pdbx_database_status.pdb_format_compatible           Y 
# 
loop_
_audit_author.name 
_audit_author.pdbx_ordinal 
_audit_author.identifier_ORCID 
'Kreutzer, A.G.' 1 0000-0002-9724-6298 
'McKnelly, K.J.' 2 0000-0003-0063-6423 
'Nowick, J.S.'   3 0000-0002-2273-1029 
# 
_citation.abstract                  ? 
_citation.abstract_id_CAS           ? 
_citation.book_id_ISBN              ? 
_citation.book_publisher            ? 
_citation.book_publisher_city       ? 
_citation.book_title                ? 
_citation.coordinate_linkage        ? 
_citation.country                   US 
_citation.database_id_Medline       ? 
_citation.details                   ? 
_citation.id                        primary 
_citation.journal_abbrev            Biochemistry 
_citation.journal_id_ASTM           BICHAW 
_citation.journal_id_CSD            0033 
_citation.journal_id_ISSN           0006-2960 
_citation.journal_full              ? 
_citation.journal_issue             ? 
_citation.journal_volume            61 
_citation.language                  ? 
_citation.page_first                446 
_citation.page_last                 454 
_citation.title                     
;Effects of Familial Alzheimer's Disease Mutations on the Assembly of a beta-Hairpin Peptide Derived from A beta 16-36 .
;
_citation.year                      2022 
_citation.database_id_CSD           ? 
_citation.pdbx_database_id_DOI      10.1021/acs.biochem.1c00664 
_citation.pdbx_database_id_PubMed   35213141 
_citation.unpublished_flag          ? 
# 
loop_
_citation_author.citation_id 
_citation_author.name 
_citation_author.ordinal 
_citation_author.identifier_ORCID 
primary 'McKnelly, K.J.' 1 ? 
primary 'Kreutzer, A.G.' 2 ? 
primary 'Howitz, W.J.'   3 ? 
primary 'Haduong, K.'    4 ? 
primary 'Yoo, S.'        5 ? 
primary 'Hart, C.'       6 ? 
primary 'Nowick, J.S.'   7 ? 
# 
_cell.angle_alpha                  90.000 
_cell.angle_alpha_esd              ? 
_cell.angle_beta                   90.000 
_cell.angle_beta_esd               ? 
_cell.angle_gamma                  90.000 
_cell.angle_gamma_esd              ? 
_cell.entry_id                     7JQS 
_cell.details                      ? 
_cell.formula_units_Z              ? 
_cell.length_a                     47.238 
_cell.length_a_esd                 ? 
_cell.length_b                     47.238 
_cell.length_b_esd                 ? 
_cell.length_c                     47.238 
_cell.length_c_esd                 ? 
_cell.volume                       ? 
_cell.volume_esd                   ? 
_cell.Z_PDB                        24 
_cell.reciprocal_angle_alpha       ? 
_cell.reciprocal_angle_beta        ? 
_cell.reciprocal_angle_gamma       ? 
_cell.reciprocal_angle_alpha_esd   ? 
_cell.reciprocal_angle_beta_esd    ? 
_cell.reciprocal_angle_gamma_esd   ? 
_cell.reciprocal_length_a          ? 
_cell.reciprocal_length_b          ? 
_cell.reciprocal_length_c          ? 
_cell.reciprocal_length_a_esd      ? 
_cell.reciprocal_length_b_esd      ? 
_cell.reciprocal_length_c_esd      ? 
_cell.pdbx_unique_axis             ? 
# 
_symmetry.entry_id                         7JQS 
_symmetry.cell_setting                     ? 
_symmetry.Int_Tables_number                213 
_symmetry.space_group_name_Hall            ? 
_symmetry.space_group_name_H-M             'P 41 3 2' 
_symmetry.pdbx_full_space_group_name_H-M   ? 
# 
loop_
_entity.id 
_entity.type 
_entity.src_method 
_entity.pdbx_description 
_entity.formula_weight 
_entity.pdbx_number_of_molecules 
_entity.pdbx_ec 
_entity.pdbx_mutation 
_entity.pdbx_fragment 
_entity.details 
1 polymer syn 'Abeta 16-36 beta-hairpin mimic VAL-ORN-LYS-LEU-VAL-MEA-PHE-ALA-ASP-ORN-ALA-ILE-ILE-GLY-LEU-MET' 1780.245 1  ? ? ? ? 
2 water   nat water                                                                                            18.015   10 ? ? ? ? 
# 
_entity_poly.entity_id                      1 
_entity_poly.type                           'polypeptide(L)' 
_entity_poly.nstd_linkage                   no 
_entity_poly.nstd_monomer                   yes 
_entity_poly.pdbx_seq_one_letter_code       'V(ORN)KLV(MEA)FAD(ORN)AIIGLM' 
_entity_poly.pdbx_seq_one_letter_code_can   VAKLVFFADAAIIGLM 
_entity_poly.pdbx_strand_id                 A 
_entity_poly.pdbx_target_identifier         ? 
# 
loop_
_entity_poly_seq.entity_id 
_entity_poly_seq.num 
_entity_poly_seq.mon_id 
_entity_poly_seq.hetero 
1 1  VAL n 
1 2  ORN n 
1 3  LYS n 
1 4  LEU n 
1 5  VAL n 
1 6  MEA n 
1 7  PHE n 
1 8  ALA n 
1 9  ASP n 
1 10 ORN n 
1 11 ALA n 
1 12 ILE n 
1 13 ILE n 
1 14 GLY n 
1 15 LEU n 
1 16 MET n 
# 
_pdbx_entity_src_syn.entity_id              1 
_pdbx_entity_src_syn.pdbx_src_id            1 
_pdbx_entity_src_syn.pdbx_alt_source_flag   sample 
_pdbx_entity_src_syn.pdbx_beg_seq_num       1 
_pdbx_entity_src_syn.pdbx_end_seq_num       16 
_pdbx_entity_src_syn.organism_scientific    'Homo sapiens' 
_pdbx_entity_src_syn.organism_common_name   Human 
_pdbx_entity_src_syn.ncbi_taxonomy_id       9606 
_pdbx_entity_src_syn.details                ? 
# 
_struct_ref.id                         1 
_struct_ref.db_name                    PDB 
_struct_ref.db_code                    7JQS 
_struct_ref.pdbx_db_accession          7JQS 
_struct_ref.pdbx_db_isoform            ? 
_struct_ref.entity_id                  1 
_struct_ref.pdbx_seq_one_letter_code   ? 
_struct_ref.pdbx_align_begin           1 
# 
_struct_ref_seq.align_id                      1 
_struct_ref_seq.ref_id                        1 
_struct_ref_seq.pdbx_PDB_id_code              7JQS 
_struct_ref_seq.pdbx_strand_id                A 
_struct_ref_seq.seq_align_beg                 1 
_struct_ref_seq.pdbx_seq_align_beg_ins_code   ? 
_struct_ref_seq.seq_align_end                 16 
_struct_ref_seq.pdbx_seq_align_end_ins_code   ? 
_struct_ref_seq.pdbx_db_accession             7JQS 
_struct_ref_seq.db_align_beg                  1 
_struct_ref_seq.pdbx_db_align_beg_ins_code    ? 
_struct_ref_seq.db_align_end                  16 
_struct_ref_seq.pdbx_db_align_end_ins_code    ? 
_struct_ref_seq.pdbx_auth_seq_align_beg       1 
_struct_ref_seq.pdbx_auth_seq_align_end       16 
# 
loop_
_chem_comp.id 
_chem_comp.type 
_chem_comp.mon_nstd_flag 
_chem_comp.name 
_chem_comp.pdbx_synonyms 
_chem_comp.formula 
_chem_comp.formula_weight 
ALA 'L-peptide linking' y ALANINE               ? 'C3 H7 N O2'     89.093  
ASP 'L-peptide linking' y 'ASPARTIC ACID'       ? 'C4 H7 N O4'     133.103 
GLY 'peptide linking'   y GLYCINE               ? 'C2 H5 N O2'     75.067  
HOH non-polymer         . WATER                 ? 'H2 O'           18.015  
ILE 'L-peptide linking' y ISOLEUCINE            ? 'C6 H13 N O2'    131.173 
LEU 'L-peptide linking' y LEUCINE               ? 'C6 H13 N O2'    131.173 
LYS 'L-peptide linking' y LYSINE                ? 'C6 H15 N2 O2 1' 147.195 
MEA 'L-peptide linking' n N-METHYLPHENYLALANINE ? 'C10 H13 N O2'   179.216 
MET 'L-peptide linking' y METHIONINE            ? 'C5 H11 N O2 S'  149.211 
ORN 'L-peptide linking' n L-ornithine           ? 'C5 H12 N2 O2'   132.161 
PHE 'L-peptide linking' y PHENYLALANINE         ? 'C9 H11 N O2'    165.189 
VAL 'L-peptide linking' y VALINE                ? 'C5 H11 N O2'    117.146 
# 
_exptl.absorpt_coefficient_mu     ? 
_exptl.absorpt_correction_T_max   ? 
_exptl.absorpt_correction_T_min   ? 
_exptl.absorpt_correction_type    ? 
_exptl.absorpt_process_details    ? 
_exptl.entry_id                   7JQS 
_exptl.crystals_number            1 
_exptl.details                    ? 
_exptl.method                     'X-RAY DIFFRACTION' 
_exptl.method_details             ? 
# 
_exptl_crystal.colour                      ? 
_exptl_crystal.density_diffrn              ? 
_exptl_crystal.density_Matthews            2.47 
_exptl_crystal.density_method              ? 
_exptl_crystal.density_percent_sol         50.14 
_exptl_crystal.description                 ? 
_exptl_crystal.F_000                       ? 
_exptl_crystal.id                          1 
_exptl_crystal.preparation                 ? 
_exptl_crystal.size_max                    ? 
_exptl_crystal.size_mid                    ? 
_exptl_crystal.size_min                    ? 
_exptl_crystal.size_rad                    ? 
_exptl_crystal.colour_lustre               ? 
_exptl_crystal.colour_modifier             ? 
_exptl_crystal.colour_primary              ? 
_exptl_crystal.density_meas                ? 
_exptl_crystal.density_meas_esd            ? 
_exptl_crystal.density_meas_gt             ? 
_exptl_crystal.density_meas_lt             ? 
_exptl_crystal.density_meas_temp           ? 
_exptl_crystal.density_meas_temp_esd       ? 
_exptl_crystal.density_meas_temp_gt        ? 
_exptl_crystal.density_meas_temp_lt        ? 
_exptl_crystal.pdbx_crystal_image_url      ? 
_exptl_crystal.pdbx_crystal_image_format   ? 
_exptl_crystal.pdbx_mosaicity              ? 
_exptl_crystal.pdbx_mosaicity_esd          ? 
# 
_exptl_crystal_grow.apparatus       ? 
_exptl_crystal_grow.atmosphere      ? 
_exptl_crystal_grow.crystal_id      1 
_exptl_crystal_grow.details         ? 
_exptl_crystal_grow.method          'VAPOR DIFFUSION, HANGING DROP' 
_exptl_crystal_grow.method_ref      ? 
_exptl_crystal_grow.pH              ? 
_exptl_crystal_grow.pressure        ? 
_exptl_crystal_grow.pressure_esd    ? 
_exptl_crystal_grow.seeding         ? 
_exptl_crystal_grow.seeding_ref     ? 
_exptl_crystal_grow.temp            297.15 
_exptl_crystal_grow.temp_details    ? 
_exptl_crystal_grow.temp_esd        ? 
_exptl_crystal_grow.time            ? 
_exptl_crystal_grow.pdbx_details    'calcium chloride, sodium acetate, isopropanol' 
_exptl_crystal_grow.pdbx_pH_range   ? 
# 
_diffrn.ambient_environment              ? 
_diffrn.ambient_temp                     123.15 
_diffrn.ambient_temp_details             ? 
_diffrn.ambient_temp_esd                 ? 
_diffrn.crystal_id                       1 
_diffrn.crystal_support                  ? 
_diffrn.crystal_treatment                ? 
_diffrn.details                          ? 
_diffrn.id                               1 
_diffrn.ambient_pressure                 ? 
_diffrn.ambient_pressure_esd             ? 
_diffrn.ambient_pressure_gt              ? 
_diffrn.ambient_pressure_lt              ? 
_diffrn.ambient_temp_gt                  ? 
_diffrn.ambient_temp_lt                  ? 
_diffrn.pdbx_serial_crystal_experiment   N 
# 
_diffrn_detector.details                      ? 
_diffrn_detector.detector                     CCD 
_diffrn_detector.diffrn_id                    1 
_diffrn_detector.type                         'RIGAKU SATURN 944+' 
_diffrn_detector.area_resol_mean              ? 
_diffrn_detector.dtime                        ? 
_diffrn_detector.pdbx_frames_total            ? 
_diffrn_detector.pdbx_collection_time_total   ? 
_diffrn_detector.pdbx_collection_date         2017-02-21 
_diffrn_detector.pdbx_frequency               ? 
# 
_diffrn_radiation.collimation                      ? 
_diffrn_radiation.diffrn_id                        1 
_diffrn_radiation.filter_edge                      ? 
_diffrn_radiation.inhomogeneity                    ? 
_diffrn_radiation.monochromator                    'Cu anode' 
_diffrn_radiation.polarisn_norm                    ? 
_diffrn_radiation.polarisn_ratio                   ? 
_diffrn_radiation.probe                            ? 
_diffrn_radiation.type                             ? 
_diffrn_radiation.xray_symbol                      ? 
_diffrn_radiation.wavelength_id                    1 
_diffrn_radiation.pdbx_monochromatic_or_laue_m_l   M 
_diffrn_radiation.pdbx_wavelength_list             ? 
_diffrn_radiation.pdbx_wavelength                  ? 
_diffrn_radiation.pdbx_diffrn_protocol             'SINGLE WAVELENGTH' 
_diffrn_radiation.pdbx_analyzer                    ? 
_diffrn_radiation.pdbx_scattering_type             x-ray 
# 
_diffrn_radiation_wavelength.id           1 
_diffrn_radiation_wavelength.wavelength   1.54 
_diffrn_radiation_wavelength.wt           1.0 
# 
_diffrn_source.current                     ? 
_diffrn_source.details                     ? 
_diffrn_source.diffrn_id                   1 
_diffrn_source.power                       ? 
_diffrn_source.size                        ? 
_diffrn_source.source                      'ROTATING ANODE' 
_diffrn_source.target                      ? 
_diffrn_source.type                        'RIGAKU MICROMAX-007 HF' 
_diffrn_source.voltage                     ? 
_diffrn_source.take-off_angle              ? 
_diffrn_source.pdbx_wavelength_list        1.54 
_diffrn_source.pdbx_wavelength             ? 
_diffrn_source.pdbx_synchrotron_beamline   ? 
_diffrn_source.pdbx_synchrotron_site       ? 
# 
_reflns.B_iso_Wilson_estimate            ? 
_reflns.entry_id                         7JQS 
_reflns.data_reduction_details           ? 
_reflns.data_reduction_method            ? 
_reflns.d_resolution_high                2.127 
_reflns.d_resolution_low                 21.13 
_reflns.details                          ? 
_reflns.limit_h_max                      ? 
_reflns.limit_h_min                      ? 
_reflns.limit_k_max                      ? 
_reflns.limit_k_min                      ? 
_reflns.limit_l_max                      ? 
_reflns.limit_l_min                      ? 
_reflns.number_all                       ? 
_reflns.number_obs                       1928 
_reflns.observed_criterion               ? 
_reflns.observed_criterion_F_max         ? 
_reflns.observed_criterion_F_min         ? 
_reflns.observed_criterion_I_max         ? 
_reflns.observed_criterion_I_min         ? 
_reflns.observed_criterion_sigma_F       ? 
_reflns.observed_criterion_sigma_I       ? 
_reflns.percent_possible_obs             99.83 
_reflns.R_free_details                   ? 
_reflns.Rmerge_F_all                     ? 
_reflns.Rmerge_F_obs                     ? 
_reflns.Friedel_coverage                 ? 
_reflns.number_gt                        ? 
_reflns.threshold_expression             ? 
_reflns.pdbx_redundancy                  156.1 
_reflns.pdbx_Rmerge_I_obs                0.003903 
_reflns.pdbx_Rmerge_I_all                ? 
_reflns.pdbx_Rsym_value                  ? 
_reflns.pdbx_netI_over_av_sigmaI         ? 
_reflns.pdbx_netI_over_sigmaI            52.34 
_reflns.pdbx_res_netI_over_av_sigmaI_2   ? 
_reflns.pdbx_res_netI_over_sigmaI_2      ? 
_reflns.pdbx_chi_squared                 ? 
_reflns.pdbx_scaling_rejects             ? 
_reflns.pdbx_d_res_high_opt              ? 
_reflns.pdbx_d_res_low_opt               ? 
_reflns.pdbx_d_res_opt_method            ? 
_reflns.phase_calculation_details        ? 
_reflns.pdbx_Rrim_I_all                  ? 
_reflns.pdbx_Rpim_I_all                  ? 
_reflns.pdbx_d_opt                       ? 
_reflns.pdbx_number_measured_all         ? 
_reflns.pdbx_diffrn_id                   1 
_reflns.pdbx_ordinal                     1 
_reflns.pdbx_CC_half                     1 
_reflns.pdbx_CC_star                     ? 
_reflns.pdbx_R_split                     ? 
# 
_reflns_shell.d_res_high                  2.127 
_reflns_shell.d_res_low                   2.203 
_reflns_shell.meanI_over_sigI_all         ? 
_reflns_shell.meanI_over_sigI_obs         ? 
_reflns_shell.number_measured_all         ? 
_reflns_shell.number_measured_obs         ? 
_reflns_shell.number_possible             ? 
_reflns_shell.number_unique_all           ? 
_reflns_shell.number_unique_obs           110 
_reflns_shell.percent_possible_all        ? 
_reflns_shell.percent_possible_obs        ? 
_reflns_shell.Rmerge_F_all                ? 
_reflns_shell.Rmerge_F_obs                ? 
_reflns_shell.Rmerge_I_all                ? 
_reflns_shell.Rmerge_I_obs                0.02676 
_reflns_shell.meanI_over_sigI_gt          ? 
_reflns_shell.meanI_over_uI_all           ? 
_reflns_shell.meanI_over_uI_gt            ? 
_reflns_shell.number_measured_gt          ? 
_reflns_shell.number_unique_gt            ? 
_reflns_shell.percent_possible_gt         ? 
_reflns_shell.Rmerge_F_gt                 ? 
_reflns_shell.Rmerge_I_gt                 ? 
_reflns_shell.pdbx_redundancy             ? 
_reflns_shell.pdbx_Rsym_value             ? 
_reflns_shell.pdbx_chi_squared            ? 
_reflns_shell.pdbx_netI_over_sigmaI_all   ? 
_reflns_shell.pdbx_netI_over_sigmaI_obs   ? 
_reflns_shell.pdbx_Rrim_I_all             ? 
_reflns_shell.pdbx_Rpim_I_all             ? 
_reflns_shell.pdbx_rejects                ? 
_reflns_shell.pdbx_ordinal                1 
_reflns_shell.pdbx_diffrn_id              1 
_reflns_shell.pdbx_CC_half                0.998 
_reflns_shell.pdbx_CC_star                ? 
_reflns_shell.pdbx_R_split                ? 
# 
_refine.aniso_B[1][1]                            ? 
_refine.aniso_B[1][2]                            ? 
_refine.aniso_B[1][3]                            ? 
_refine.aniso_B[2][2]                            ? 
_refine.aniso_B[2][3]                            ? 
_refine.aniso_B[3][3]                            ? 
_refine.B_iso_max                                187.040 
_refine.B_iso_mean                               62.8721 
_refine.B_iso_min                                28.830 
_refine.correlation_coeff_Fo_to_Fc               ? 
_refine.correlation_coeff_Fo_to_Fc_free          ? 
_refine.details                                  ? 
_refine.diff_density_max                         ? 
_refine.diff_density_max_esd                     ? 
_refine.diff_density_min                         ? 
_refine.diff_density_min_esd                     ? 
_refine.diff_density_rms                         ? 
_refine.diff_density_rms_esd                     ? 
_refine.entry_id                                 7JQS 
_refine.pdbx_refine_id                           'X-RAY DIFFRACTION' 
_refine.ls_abs_structure_details                 ? 
_refine.ls_abs_structure_Flack                   ? 
_refine.ls_abs_structure_Flack_esd               ? 
_refine.ls_abs_structure_Rogers                  ? 
_refine.ls_abs_structure_Rogers_esd              ? 
_refine.ls_d_res_high                            2.1270 
_refine.ls_d_res_low                             21.1260 
_refine.ls_extinction_coef                       ? 
_refine.ls_extinction_coef_esd                   ? 
_refine.ls_extinction_expression                 ? 
_refine.ls_extinction_method                     ? 
_refine.ls_goodness_of_fit_all                   ? 
_refine.ls_goodness_of_fit_all_esd               ? 
_refine.ls_goodness_of_fit_obs                   ? 
_refine.ls_goodness_of_fit_obs_esd               ? 
_refine.ls_hydrogen_treatment                    ? 
_refine.ls_matrix_type                           ? 
_refine.ls_number_constraints                    ? 
_refine.ls_number_parameters                     ? 
_refine.ls_number_reflns_all                     ? 
_refine.ls_number_reflns_obs                     1928 
_refine.ls_number_reflns_R_free                  187 
_refine.ls_number_reflns_R_work                  1741 
_refine.ls_number_restraints                     ? 
_refine.ls_percent_reflns_obs                    100.0000 
_refine.ls_percent_reflns_R_free                 9.7000 
_refine.ls_R_factor_all                          ? 
_refine.ls_R_factor_obs                          0.2392 
_refine.ls_R_factor_R_free                       0.2869 
_refine.ls_R_factor_R_free_error                 ? 
_refine.ls_R_factor_R_free_error_details         ? 
_refine.ls_R_factor_R_work                       0.2344 
_refine.ls_R_Fsqd_factor_obs                     ? 
_refine.ls_R_I_factor_obs                        ? 
_refine.ls_redundancy_reflns_all                 ? 
_refine.ls_redundancy_reflns_obs                 ? 
_refine.ls_restrained_S_all                      ? 
_refine.ls_restrained_S_obs                      ? 
_refine.ls_shift_over_esd_max                    ? 
_refine.ls_shift_over_esd_mean                   ? 
_refine.ls_structure_factor_coef                 ? 
_refine.ls_weighting_details                     ? 
_refine.ls_weighting_scheme                      ? 
_refine.ls_wR_factor_all                         ? 
_refine.ls_wR_factor_obs                         ? 
_refine.ls_wR_factor_R_free                      ? 
_refine.ls_wR_factor_R_work                      ? 
_refine.occupancy_max                            ? 
_refine.occupancy_min                            ? 
_refine.solvent_model_details                    'FLAT BULK SOLVENT MODEL' 
_refine.solvent_model_param_bsol                 ? 
_refine.solvent_model_param_ksol                 ? 
_refine.pdbx_R_complete                          ? 
_refine.ls_R_factor_gt                           ? 
_refine.ls_goodness_of_fit_gt                    ? 
_refine.ls_goodness_of_fit_ref                   ? 
_refine.ls_shift_over_su_max                     ? 
_refine.ls_shift_over_su_max_lt                  ? 
_refine.ls_shift_over_su_mean                    ? 
_refine.ls_shift_over_su_mean_lt                 ? 
_refine.pdbx_ls_sigma_I                          ? 
_refine.pdbx_ls_sigma_F                          1.360 
_refine.pdbx_ls_sigma_Fsqd                       ? 
_refine.pdbx_data_cutoff_high_absF               ? 
_refine.pdbx_data_cutoff_high_rms_absF           ? 
_refine.pdbx_data_cutoff_low_absF                ? 
_refine.pdbx_isotropic_thermal_model             ? 
_refine.pdbx_ls_cross_valid_method               THROUGHOUT 
_refine.pdbx_method_to_determine_struct          'MOLECULAR REPLACEMENT' 
_refine.pdbx_starting_model                      7JQR 
_refine.pdbx_stereochemistry_target_values       ML 
_refine.pdbx_R_Free_selection_details            ? 
_refine.pdbx_stereochem_target_val_spec_case     ? 
_refine.pdbx_overall_ESU_R                       ? 
_refine.pdbx_overall_ESU_R_Free                  ? 
_refine.pdbx_solvent_vdw_probe_radii             1.1100 
_refine.pdbx_solvent_ion_probe_radii             ? 
_refine.pdbx_solvent_shrinkage_radii             0.9000 
_refine.pdbx_real_space_R                        ? 
_refine.pdbx_density_correlation                 ? 
_refine.pdbx_pd_number_of_powder_patterns        ? 
_refine.pdbx_pd_number_of_points                 ? 
_refine.pdbx_pd_meas_number_of_points            ? 
_refine.pdbx_pd_proc_ls_prof_R_factor            ? 
_refine.pdbx_pd_proc_ls_prof_wR_factor           ? 
_refine.pdbx_pd_Marquardt_correlation_coeff      ? 
_refine.pdbx_pd_Fsqrd_R_factor                   ? 
_refine.pdbx_pd_ls_matrix_band_width             ? 
_refine.pdbx_overall_phase_error                 20.5800 
_refine.pdbx_overall_SU_R_free_Cruickshank_DPI   ? 
_refine.pdbx_overall_SU_R_free_Blow_DPI          ? 
_refine.pdbx_overall_SU_R_Blow_DPI               ? 
_refine.pdbx_TLS_residual_ADP_flag               ? 
_refine.pdbx_diffrn_id                           1 
_refine.overall_SU_B                             ? 
_refine.overall_SU_ML                            0.2200 
_refine.overall_SU_R_Cruickshank_DPI             ? 
_refine.overall_SU_R_free                        ? 
_refine.overall_FOM_free_R_set                   ? 
_refine.overall_FOM_work_R_set                   ? 
_refine.pdbx_average_fsc_overall                 ? 
_refine.pdbx_average_fsc_work                    ? 
_refine.pdbx_average_fsc_free                    ? 
# 
_refine_hist.pdbx_refine_id                   'X-RAY DIFFRACTION' 
_refine_hist.cycle_id                         final 
_refine_hist.details                          ? 
_refine_hist.d_res_high                       2.1270 
_refine_hist.d_res_low                        21.1260 
_refine_hist.number_atoms_solvent             10 
_refine_hist.number_atoms_total               134 
_refine_hist.number_reflns_all                ? 
_refine_hist.number_reflns_obs                ? 
_refine_hist.number_reflns_R_free             ? 
_refine_hist.number_reflns_R_work             ? 
_refine_hist.R_factor_all                     ? 
_refine_hist.R_factor_obs                     ? 
_refine_hist.R_factor_R_free                  ? 
_refine_hist.R_factor_R_work                  ? 
_refine_hist.pdbx_number_residues_total       16 
_refine_hist.pdbx_B_iso_mean_ligand           ? 
_refine_hist.pdbx_B_iso_mean_solvent          53.46 
_refine_hist.pdbx_number_atoms_protein        124 
_refine_hist.pdbx_number_atoms_nucleic_acid   0 
_refine_hist.pdbx_number_atoms_ligand         0 
_refine_hist.pdbx_number_atoms_lipid          ? 
_refine_hist.pdbx_number_atoms_carb           ? 
_refine_hist.pdbx_pseudo_atom_details         ? 
# 
_refine_ls_shell.pdbx_refine_id                   'X-RAY DIFFRACTION' 
_refine_ls_shell.d_res_high                       2.1275 
_refine_ls_shell.d_res_low                        21.1260 
_refine_ls_shell.number_reflns_all                ? 
_refine_ls_shell.number_reflns_obs                ? 
_refine_ls_shell.number_reflns_R_free             187 
_refine_ls_shell.number_reflns_R_work             1741 
_refine_ls_shell.percent_reflns_obs               100.0000 
_refine_ls_shell.percent_reflns_R_free            ? 
_refine_ls_shell.R_factor_all                     ? 
_refine_ls_shell.R_factor_obs                     ? 
_refine_ls_shell.R_factor_R_free                  0.2869 
_refine_ls_shell.R_factor_R_free_error            0.0000 
_refine_ls_shell.R_factor_R_work                  0.2344 
_refine_ls_shell.redundancy_reflns_all            ? 
_refine_ls_shell.redundancy_reflns_obs            ? 
_refine_ls_shell.wR_factor_all                    ? 
_refine_ls_shell.wR_factor_obs                    ? 
_refine_ls_shell.wR_factor_R_free                 ? 
_refine_ls_shell.wR_factor_R_work                 ? 
_refine_ls_shell.pdbx_R_complete                  ? 
_refine_ls_shell.pdbx_total_number_of_bins_used   ? 
_refine_ls_shell.pdbx_phase_error                 ? 
_refine_ls_shell.pdbx_fsc_work                    ? 
_refine_ls_shell.pdbx_fsc_free                    ? 
# 
_struct.entry_id                     7JQS 
_struct.title                        'Abeta 16-36 beta-hairpin mimic with E22delta Osaka mutation' 
_struct.pdbx_model_details           ? 
_struct.pdbx_formula_weight          ? 
_struct.pdbx_formula_weight_method   ? 
_struct.pdbx_model_type_details      ? 
_struct.pdbx_CASP_flag               N 
# 
_struct_keywords.entry_id        7JQS 
_struct_keywords.text            
;Alzheimer's disease, amyloid, Abeta, oligomer, familial mutant, DE NOVO PROTEIN
;
_struct_keywords.pdbx_keywords   'DE NOVO PROTEIN' 
# 
loop_
_struct_asym.id 
_struct_asym.pdbx_blank_PDB_chainid_flag 
_struct_asym.pdbx_modified 
_struct_asym.entity_id 
_struct_asym.details 
A N N 1 ? 
B N N 2 ? 
# 
loop_
_struct_conn.id 
_struct_conn.conn_type_id 
_struct_conn.pdbx_leaving_atom_flag 
_struct_conn.pdbx_PDB_id 
_struct_conn.ptnr1_label_asym_id 
_struct_conn.ptnr1_label_comp_id 
_struct_conn.ptnr1_label_seq_id 
_struct_conn.ptnr1_label_atom_id 
_struct_conn.pdbx_ptnr1_label_alt_id 
_struct_conn.pdbx_ptnr1_PDB_ins_code 
_struct_conn.pdbx_ptnr1_standard_comp_id 
_struct_conn.ptnr1_symmetry 
_struct_conn.ptnr2_label_asym_id 
_struct_conn.ptnr2_label_comp_id 
_struct_conn.ptnr2_label_seq_id 
_struct_conn.ptnr2_label_atom_id 
_struct_conn.pdbx_ptnr2_label_alt_id 
_struct_conn.pdbx_ptnr2_PDB_ins_code 
_struct_conn.ptnr1_auth_asym_id 
_struct_conn.ptnr1_auth_comp_id 
_struct_conn.ptnr1_auth_seq_id 
_struct_conn.ptnr2_auth_asym_id 
_struct_conn.ptnr2_auth_comp_id 
_struct_conn.ptnr2_auth_seq_id 
_struct_conn.ptnr2_symmetry 
_struct_conn.pdbx_ptnr3_label_atom_id 
_struct_conn.pdbx_ptnr3_label_seq_id 
_struct_conn.pdbx_ptnr3_label_comp_id 
_struct_conn.pdbx_ptnr3_label_asym_id 
_struct_conn.pdbx_ptnr3_label_alt_id 
_struct_conn.pdbx_ptnr3_PDB_ins_code 
_struct_conn.details 
_struct_conn.pdbx_dist_value 
_struct_conn.pdbx_value_order 
_struct_conn.pdbx_role 
covale1 covale both ? A VAL 1  C ? ? ? 1_555 A ORN 2  NE ? ? A VAL 1  A ORN 2  1_555 ? ? ? ? ? ? ? 1.376 ?    ? 
covale2 covale both ? A VAL 1  N ? ? ? 1_555 A MET 16 C  ? ? A VAL 1  A MET 16 1_555 ? ? ? ? ? ? ? 1.329 sing ? 
covale3 covale both ? A ORN 2  C ? ? ? 1_555 A LYS 3  N  ? ? A ORN 2  A LYS 3  1_555 ? ? ? ? ? ? ? 1.373 ?    ? 
covale4 covale both ? A VAL 5  C ? ? ? 1_555 A MEA 6  N  ? ? A VAL 5  A MEA 6  1_555 ? ? ? ? ? ? ? 1.336 ?    ? 
covale5 covale both ? A MEA 6  C ? ? ? 1_555 A PHE 7  N  ? ? A MEA 6  A PHE 7  1_555 ? ? ? ? ? ? ? 1.333 ?    ? 
covale6 covale both ? A ASP 9  C ? ? ? 1_555 A ORN 10 NE ? ? A ASP 9  A ORN 10 1_555 ? ? ? ? ? ? ? 1.380 ?    ? 
covale7 covale both ? A ORN 10 C ? ? ? 1_555 A ALA 11 N  ? ? A ORN 10 A ALA 11 1_555 ? ? ? ? ? ? ? 1.373 ?    ? 
# 
_struct_conn_type.id          covale 
_struct_conn_type.criteria    ? 
_struct_conn_type.reference   ? 
# 
_struct_sheet.id               AA1 
_struct_sheet.type             ? 
_struct_sheet.number_strands   2 
_struct_sheet.details          ? 
# 
_struct_sheet_order.sheet_id     AA1 
_struct_sheet_order.range_id_1   1 
_struct_sheet_order.range_id_2   2 
_struct_sheet_order.offset       ? 
_struct_sheet_order.sense        anti-parallel 
# 
loop_
_struct_sheet_range.sheet_id 
_struct_sheet_range.id 
_struct_sheet_range.beg_label_comp_id 
_struct_sheet_range.beg_label_asym_id 
_struct_sheet_range.beg_label_seq_id 
_struct_sheet_range.pdbx_beg_PDB_ins_code 
_struct_sheet_range.end_label_comp_id 
_struct_sheet_range.end_label_asym_id 
_struct_sheet_range.end_label_seq_id 
_struct_sheet_range.pdbx_end_PDB_ins_code 
_struct_sheet_range.beg_auth_comp_id 
_struct_sheet_range.beg_auth_asym_id 
_struct_sheet_range.beg_auth_seq_id 
_struct_sheet_range.end_auth_comp_id 
_struct_sheet_range.end_auth_asym_id 
_struct_sheet_range.end_auth_seq_id 
AA1 1 VAL A 5  ? ALA A 8  ? VAL A 5  ALA A 8  
AA1 2 ILE A 12 ? LEU A 15 ? ILE A 12 LEU A 15 
# 
_pdbx_struct_sheet_hbond.sheet_id                AA1 
_pdbx_struct_sheet_hbond.range_id_1              1 
_pdbx_struct_sheet_hbond.range_id_2              2 
_pdbx_struct_sheet_hbond.range_1_label_atom_id   N 
_pdbx_struct_sheet_hbond.range_1_label_comp_id   VAL 
_pdbx_struct_sheet_hbond.range_1_label_asym_id   A 
_pdbx_struct_sheet_hbond.range_1_label_seq_id    5 
_pdbx_struct_sheet_hbond.range_1_PDB_ins_code    ? 
_pdbx_struct_sheet_hbond.range_1_auth_atom_id    N 
_pdbx_struct_sheet_hbond.range_1_auth_comp_id    VAL 
_pdbx_struct_sheet_hbond.range_1_auth_asym_id    A 
_pdbx_struct_sheet_hbond.range_1_auth_seq_id     5 
_pdbx_struct_sheet_hbond.range_2_label_atom_id   O 
_pdbx_struct_sheet_hbond.range_2_label_comp_id   LEU 
_pdbx_struct_sheet_hbond.range_2_label_asym_id   A 
_pdbx_struct_sheet_hbond.range_2_label_seq_id    15 
_pdbx_struct_sheet_hbond.range_2_PDB_ins_code    ? 
_pdbx_struct_sheet_hbond.range_2_auth_atom_id    O 
_pdbx_struct_sheet_hbond.range_2_auth_comp_id    LEU 
_pdbx_struct_sheet_hbond.range_2_auth_asym_id    A 
_pdbx_struct_sheet_hbond.range_2_auth_seq_id     15 
# 
_atom_sites.entry_id                    7JQS 
_atom_sites.Cartn_transf_matrix[1][1]   ? 
_atom_sites.Cartn_transf_matrix[1][2]   ? 
_atom_sites.Cartn_transf_matrix[1][3]   ? 
_atom_sites.Cartn_transf_matrix[2][1]   ? 
_atom_sites.Cartn_transf_matrix[2][2]   ? 
_atom_sites.Cartn_transf_matrix[2][3]   ? 
_atom_sites.Cartn_transf_matrix[3][1]   ? 
_atom_sites.Cartn_transf_matrix[3][2]   ? 
_atom_sites.Cartn_transf_matrix[3][3]   ? 
_atom_sites.Cartn_transf_vector[1]      ? 
_atom_sites.Cartn_transf_vector[2]      ? 
_atom_sites.Cartn_transf_vector[3]      ? 
_atom_sites.fract_transf_matrix[1][1]   -0.01710475 
_atom_sites.fract_transf_matrix[1][2]   0.00548566 
_atom_sites.fract_transf_matrix[1][3]   0.01120097 
_atom_sites.fract_transf_matrix[2][1]   0.00954553 
_atom_sites.fract_transf_matrix[2][2]   -0.00647817 
_atom_sites.fract_transf_matrix[2][3]   0.01774944 
_atom_sites.fract_transf_matrix[3][1]   0.00802726 
_atom_sites.fract_transf_matrix[3][2]   0.01939246 
_atom_sites.fract_transf_matrix[3][3]   0.00276083 
_atom_sites.fract_transf_vector[1]      0.293958 
_atom_sites.fract_transf_vector[2]      0.296449 
_atom_sites.fract_transf_vector[3]      0.573114 
_atom_sites.solution_primary            ? 
_atom_sites.solution_secondary          ? 
_atom_sites.solution_hydrogens          ? 
_atom_sites.special_details             ? 
# 
loop_
_atom_type.symbol 
C 
H 
N 
O 
S 
# 
loop_
_atom_site.group_PDB 
_atom_site.id 
_atom_site.type_symbol 
_atom_site.label_atom_id 
_atom_site.label_alt_id 
_atom_site.label_comp_id 
_atom_site.label_asym_id 
_atom_site.label_entity_id 
_atom_site.label_seq_id 
_atom_site.pdbx_PDB_ins_code 
_atom_site.Cartn_x 
_atom_site.Cartn_y 
_atom_site.Cartn_z 
_atom_site.occupancy 
_atom_site.B_iso_or_equiv 
_atom_site.pdbx_formal_charge 
_atom_site.auth_seq_id 
_atom_site.auth_comp_id 
_atom_site.auth_asym_id 
_atom_site.auth_atom_id 
_atom_site.pdbx_PDB_model_num 
ATOM   1   N N    . VAL A 1 1  ? -2.484 2.055  -7.324  1.00 42.35  ? 1   VAL A N    1 
ATOM   2   C CA   . VAL A 1 1  ? -3.338 3.250  -7.353  1.00 42.88  ? 1   VAL A CA   1 
ATOM   3   C C    . VAL A 1 1  ? -2.911 4.130  -8.525  1.00 44.11  ? 1   VAL A C    1 
ATOM   4   O O    . VAL A 1 1  ? -1.991 4.941  -8.399  1.00 43.47  ? 1   VAL A O    1 
ATOM   5   C CB   . VAL A 1 1  ? -3.277 4.052  -6.035  1.00 42.34  ? 1   VAL A CB   1 
ATOM   6   C CG1  . VAL A 1 1  ? -4.180 5.289  -6.130  1.00 40.42  ? 1   VAL A CG1  1 
ATOM   7   C CG2  . VAL A 1 1  ? -3.674 3.169  -4.862  1.00 45.04  ? 1   VAL A CG2  1 
ATOM   8   H H1   . VAL A 1 1  ? -1.644 2.227  -7.251  1.00 51.11  ? 1   VAL A H1   1 
ATOM   9   H HA   . VAL A 1 1  ? -4.260 2.970  -7.466  1.00 51.75  ? 1   VAL A HA   1 
ATOM   10  H HB   . VAL A 1 1  ? -2.369 4.355  -5.881  1.00 51.11  ? 1   VAL A HB   1 
ATOM   11  H HG11 . VAL A 1 1  ? -4.133 5.779  -5.294  1.00 48.80  ? 1   VAL A HG11 1 
ATOM   12  H HG12 . VAL A 1 1  ? -3.872 5.850  -6.859  1.00 48.80  ? 1   VAL A HG12 1 
ATOM   13  H HG13 . VAL A 1 1  ? -5.092 5.004  -6.294  1.00 48.80  ? 1   VAL A HG13 1 
ATOM   14  H HG21 . VAL A 1 1  ? -3.668 3.701  -4.050  1.00 54.34  ? 1   VAL A HG21 1 
ATOM   15  H HG22 . VAL A 1 1  ? -4.563 2.816  -5.018  1.00 54.34  ? 1   VAL A HG22 1 
ATOM   16  H HG23 . VAL A 1 1  ? -3.038 2.441  -4.785  1.00 54.34  ? 1   VAL A HG23 1 
HETATM 17  N N    . ORN A 1 2  ? 0.168  5.430  -12.613 1.00 44.28  ? 2   ORN A N    1 
HETATM 18  C CA   . ORN A 1 2  ? -0.170 4.970  -11.218 1.00 42.43  ? 2   ORN A CA   1 
HETATM 19  C CB   . ORN A 1 2  ? -1.011 3.677  -11.276 1.00 40.17  ? 2   ORN A CB   1 
HETATM 20  C CG   . ORN A 1 2  ? -2.425 3.888  -11.843 1.00 44.17  ? 2   ORN A CG   1 
HETATM 21  C CD   . ORN A 1 2  ? -3.285 4.717  -10.881 1.00 44.81  ? 2   ORN A CD   1 
HETATM 22  N NE   . ORN A 1 2  ? -3.605 3.960  -9.702  1.00 47.51  ? 2   ORN A NE   1 
HETATM 23  C C    . ORN A 1 2  ? 1.086  4.723  -10.345 1.00 38.74  ? 2   ORN A C    1 
HETATM 24  O O    . ORN A 1 2  ? 2.227  4.768  -10.813 1.00 39.43  ? 2   ORN A O    1 
HETATM 25  H H2   . ORN A 1 2  ? -0.624 5.830  -13.123 1.00 53.43  ? 2   ORN A H2   1 
HETATM 26  H H    . ORN A 1 2  ? 0.890  6.153  -12.650 1.00 53.43  ? 2   ORN A H    1 
HETATM 27  H HA   . ORN A 1 2  ? -0.702 5.817  -10.774 1.00 51.21  ? 2   ORN A HA   1 
HETATM 28  H HB2  . ORN A 1 2  ? -0.497 2.950  -11.921 1.00 48.50  ? 2   ORN A HB2  1 
HETATM 29  H HB3  . ORN A 1 2  ? -1.116 3.280  -10.256 1.00 48.50  ? 2   ORN A HB3  1 
HETATM 30  H HG2  . ORN A 1 2  ? -2.357 4.402  -12.808 1.00 53.29  ? 2   ORN A HG2  1 
HETATM 31  H HG3  . ORN A 1 2  ? -2.900 2.914  -12.010 1.00 53.29  ? 2   ORN A HG3  1 
HETATM 32  H HD2  . ORN A 1 2  ? -2.730 5.614  -10.589 1.00 54.07  ? 2   ORN A HD2  1 
HETATM 33  H HD3  . ORN A 1 2  ? -4.213 5.000  -11.385 1.00 54.07  ? 2   ORN A HD3  1 
HETATM 34  H HE1  . ORN A 1 2  ? -4.349 3.290  -9.799  1.00 57.31  ? 2   ORN A HE1  1 
ATOM   35  N N    . LYS A 1 3  ? 0.836  4.447  -9.024  1.00 37.92  ? 3   LYS A N    1 
ATOM   36  C CA   . LYS A 1 3  ? 1.909  4.173  -8.097  1.00 34.38  ? 3   LYS A CA   1 
ATOM   37  C C    . LYS A 1 3  ? 1.587  2.912  -7.302  1.00 35.80  ? 3   LYS A C    1 
ATOM   38  O O    . LYS A 1 3  ? 0.419  2.581  -7.083  1.00 39.17  ? 3   LYS A O    1 
ATOM   39  C CB   . LYS A 1 3  ? 2.143  5.296  -7.089  1.00 38.18  ? 3   LYS A CB   1 
ATOM   40  C CG   . LYS A 1 3  ? 2.109  6.698  -7.635  1.00 44.25  ? 3   LYS A CG   1 
ATOM   41  C CD   . LYS A 1 3  ? 3.280  7.010  -8.537  1.00 55.94  ? 3   LYS A CD   1 
ATOM   42  C CE   . LYS A 1 3  ? 3.306  8.497  -8.852  1.00 63.67  ? 3   LYS A CE   1 
ATOM   43  N NZ   . LYS A 1 3  ? 3.511  9.344  -7.640  1.00 66.65  ? 3   LYS A NZ   1 
ATOM   44  H H    . LYS A 1 3  ? 0.052  4.420  -8.673  1.00 45.80  ? 3   LYS A H    1 
ATOM   45  H HA   . LYS A 1 3  ? 2.721  4.077  -8.619  1.00 41.55  ? 3   LYS A HA   1 
ATOM   46  H HB2  . LYS A 1 3  ? 1.456  5.238  -6.407  1.00 46.11  ? 3   LYS A HB2  1 
ATOM   47  H HB3  . LYS A 1 3  ? 3.018  5.165  -6.691  1.00 46.11  ? 3   LYS A HB3  1 
ATOM   48  H HG2  . LYS A 1 3  ? 1.295  6.817  -8.150  1.00 53.40  ? 3   LYS A HG2  1 
ATOM   49  H HG3  . LYS A 1 3  ? 2.127  7.325  -6.895  1.00 53.40  ? 3   LYS A HG3  1 
ATOM   50  H HD2  . LYS A 1 3  ? 4.108  6.771  -8.093  1.00 67.43  ? 3   LYS A HD2  1 
ATOM   51  H HD3  . LYS A 1 3  ? 3.193  6.517  -9.368  1.00 67.43  ? 3   LYS A HD3  1 
ATOM   52  H HE2  . LYS A 1 3  ? 4.032  8.676  -9.469  1.00 76.70  ? 3   LYS A HE2  1 
ATOM   53  H HE3  . LYS A 1 3  ? 2.460  8.749  -9.255  1.00 76.70  ? 3   LYS A HE3  1 
ATOM   54  H HZ1  . LYS A 1 3  ? 3.586  10.199 -7.875  1.00 80.28  ? 3   LYS A HZ1  1 
ATOM   55  H HZ2  . LYS A 1 3  ? 2.819  9.256  -7.087  1.00 80.28  ? 3   LYS A HZ2  1 
ATOM   56  H HZ3  . LYS A 1 3  ? 4.254  9.095  -7.216  1.00 80.28  ? 3   LYS A HZ3  1 
ATOM   57  N N    . LEU A 1 4  ? 2.625  2.221  -6.847  1.00 34.60  ? 4   LEU A N    1 
ATOM   58  C CA   . LEU A 1 4  ? 2.455  1.210  -5.811  1.00 32.63  ? 4   LEU A CA   1 
ATOM   59  C C    . LEU A 1 4  ? 2.380  1.934  -4.478  1.00 31.76  ? 4   LEU A C    1 
ATOM   60  O O    . LEU A 1 4  ? 3.308  2.660  -4.110  1.00 35.85  ? 4   LEU A O    1 
ATOM   61  C CB   . LEU A 1 4  ? 3.598  0.209  -5.841  1.00 31.32  ? 4   LEU A CB   1 
ATOM   62  C CG   . LEU A 1 4  ? 3.651  -0.750 -4.655  1.00 34.71  ? 4   LEU A CG   1 
ATOM   63  C CD1  . LEU A 1 4  ? 2.379  -1.584 -4.525  1.00 29.28  ? 4   LEU A CD1  1 
ATOM   64  C CD2  . LEU A 1 4  ? 4.919  -1.618 -4.739  1.00 34.35  ? 4   LEU A CD2  1 
ATOM   65  H H    . LEU A 1 4  ? 3.434  2.318  -7.121  1.00 41.82  ? 4   LEU A H    1 
ATOM   66  H HA   . LEU A 1 4  ? 1.638  0.705  -5.951  1.00 39.45  ? 4   LEU A HA   1 
ATOM   67  H HB2  . LEU A 1 4  ? 3.516  -0.327 -6.645  1.00 37.88  ? 4   LEU A HB2  1 
ATOM   68  H HB3  . LEU A 1 4  ? 4.435  0.700  -5.855  1.00 37.88  ? 4   LEU A HB3  1 
ATOM   69  H HG   . LEU A 1 4  ? 3.699  -0.234 -3.835  1.00 41.94  ? 4   LEU A HG   1 
ATOM   70  H HD11 . LEU A 1 4  ? 2.460  -2.166 -3.754  1.00 35.43  ? 4   LEU A HD11 1 
ATOM   71  H HD12 . LEU A 1 4  ? 1.621  -0.989 -4.411  1.00 35.43  ? 4   LEU A HD12 1 
ATOM   72  H HD13 . LEU A 1 4  ? 2.266  -2.114 -5.329  1.00 35.43  ? 4   LEU A HD13 1 
ATOM   73  H HD21 . LEU A 1 4  ? 4.934  -2.229 -3.986  1.00 41.51  ? 4   LEU A HD21 1 
ATOM   74  H HD22 . LEU A 1 4  ? 4.906  -2.118 -5.571  1.00 41.51  ? 4   LEU A HD22 1 
ATOM   75  H HD23 . LEU A 1 4  ? 5.699  -1.041 -4.711  1.00 41.51  ? 4   LEU A HD23 1 
ATOM   76  N N    . VAL A 1 5  ? 1.262  1.784  -3.775  1.00 28.86  ? 5   VAL A N    1 
ATOM   77  C CA   . VAL A 1 5  ? 1.014  2.521  -2.531  1.00 29.16  ? 5   VAL A CA   1 
ATOM   78  C C    . VAL A 1 5  ? 1.059  1.554  -1.352  1.00 31.43  ? 5   VAL A C    1 
ATOM   79  O O    . VAL A 1 5  ? 0.367  0.540  -1.362  1.00 33.30  ? 5   VAL A O    1 
ATOM   80  C CB   . VAL A 1 5  ? -0.333 3.265  -2.623  1.00 32.52  ? 5   VAL A CB   1 
ATOM   81  C CG1  . VAL A 1 5  ? -0.614 4.064  -1.369  1.00 37.58  ? 5   VAL A CG1  1 
ATOM   82  C CG2  . VAL A 1 5  ? -0.365 4.192  -3.842  1.00 32.18  ? 5   VAL A CG2  1 
ATOM   83  H H    . VAL A 1 5  ? 0.621  1.256  -3.997  1.00 34.60  ? 5   VAL A H    1 
ATOM   84  H HA   . VAL A 1 5  ? 1.703  3.187  -2.383  1.00 35.18  ? 5   VAL A HA   1 
ATOM   85  H HB   . VAL A 1 5  ? -1.030 2.597  -2.718  1.00 39.32  ? 5   VAL A HB   1 
ATOM   86  H HG11 . VAL A 1 5  ? -1.454 4.536  -1.477  1.00 45.39  ? 5   VAL A HG11 1 
ATOM   87  H HG12 . VAL A 1 5  ? -0.669 3.458  -0.614  1.00 45.39  ? 5   VAL A HG12 1 
ATOM   88  H HG13 . VAL A 1 5  ? 0.107  4.698  -1.231  1.00 45.39  ? 5   VAL A HG13 1 
ATOM   89  H HG21 . VAL A 1 5  ? -1.208 4.670  -3.855  1.00 38.91  ? 5   VAL A HG21 1 
ATOM   90  H HG22 . VAL A 1 5  ? 0.372  4.820  -3.779  1.00 38.91  ? 5   VAL A HG22 1 
ATOM   91  H HG23 . VAL A 1 5  ? -0.275 3.658  -4.647  1.00 38.91  ? 5   VAL A HG23 1 
HETATM 92  C C1   . MEA A 1 6  ? 2.219  3.172  0.017   1.00 36.41  ? 6   MEA A C1   1 
HETATM 93  N N    . MEA A 1 6  ? 1.880  1.852  -0.341  1.00 31.06  ? 6   MEA A N    1 
HETATM 94  C CA   . MEA A 1 6  ? 1.976  0.966  0.816   1.00 31.28  ? 6   MEA A CA   1 
HETATM 95  C C    . MEA A 1 6  ? 1.062  1.519  1.953   1.00 36.32  ? 6   MEA A C    1 
HETATM 96  O O    . MEA A 1 6  ? 1.477  2.396  2.752   1.00 34.27  ? 6   MEA A O    1 
HETATM 97  C CB   . MEA A 1 6  ? 3.322  0.798  1.368   1.00 34.44  ? 6   MEA A CB   1 
HETATM 98  C CG   . MEA A 1 6  ? 4.102  -0.122 0.422   1.00 31.39  ? 6   MEA A CG   1 
HETATM 99  C CD1  . MEA A 1 6  ? 5.144  0.387  -0.352  1.00 37.39  ? 6   MEA A CD1  1 
HETATM 100 C CE1  . MEA A 1 6  ? 5.833  -0.446 -1.214  1.00 31.69  ? 6   MEA A CE1  1 
HETATM 101 C CZ   . MEA A 1 6  ? 5.477  -1.801 -1.312  1.00 31.47  ? 6   MEA A CZ   1 
HETATM 102 C CE2  . MEA A 1 6  ? 4.420  -2.302 -0.541  1.00 37.43  ? 6   MEA A CE2  1 
HETATM 103 C CD2  . MEA A 1 6  ? 3.740  -1.490 0.319   1.00 34.73  ? 6   MEA A CD2  1 
HETATM 104 H HC1  . MEA A 1 6  ? 2.856  3.156  0.781   1.00 43.99  ? 6   MEA A HC1  1 
HETATM 105 H HC2  . MEA A 1 6  ? 1.397  3.666  0.281   1.00 43.99  ? 6   MEA A HC2  1 
HETATM 106 H HC3  . MEA A 1 6  ? 2.644  3.627  -0.759  1.00 43.99  ? 6   MEA A HC3  1 
HETATM 107 H HA   . MEA A 1 6  ? 1.694  0.075  0.487   1.00 37.84  ? 6   MEA A HA   1 
HETATM 108 H HB1  . MEA A 1 6  ? 3.268  0.391  2.264   1.00 41.63  ? 6   MEA A HB1  1 
HETATM 109 H HB2  . MEA A 1 6  ? 3.770  1.673  1.433   1.00 41.63  ? 6   MEA A HB2  1 
HETATM 110 H HD1  . MEA A 1 6  ? 5.386  1.326  -0.286  1.00 45.16  ? 6   MEA A HD1  1 
HETATM 111 H HE1  . MEA A 1 6  ? 6.573  -0.092 -1.759  1.00 38.32  ? 6   MEA A HE1  1 
HETATM 112 H HZ   . MEA A 1 6  ? 5.973  -2.403 -1.927  1.00 38.06  ? 6   MEA A HZ   1 
HETATM 113 H HE2  . MEA A 1 6  ? 4.172  -3.230 -0.618  1.00 45.21  ? 6   MEA A HE2  1 
HETATM 114 H HD2  . MEA A 1 6  ? 3.058  -2.042 0.755   1.00 41.97  ? 6   MEA A HD2  1 
ATOM   115 N N    . PHE A 1 7  ? -0.166 1.002  2.000   1.00 29.57  ? 7   PHE A N    1 
ATOM   116 C CA   . PHE A 1 7  ? -1.155 1.408  2.979   1.00 38.33  ? 7   PHE A CA   1 
ATOM   117 C C    . PHE A 1 7  ? -0.812 0.789  4.319   1.00 45.49  ? 7   PHE A C    1 
ATOM   118 O O    . PHE A 1 7  ? -0.565 -0.410 4.411   1.00 37.59  ? 7   PHE A O    1 
ATOM   119 C CB   . PHE A 1 7  ? -2.544 0.976  2.550   1.00 31.76  ? 7   PHE A CB   1 
ATOM   120 C CG   . PHE A 1 7  ? -3.122 1.779  1.417   1.00 39.31  ? 7   PHE A CG   1 
ATOM   121 C CD1  . PHE A 1 7  ? -3.833 2.936  1.674   1.00 47.08  ? 7   PHE A CD1  1 
ATOM   122 C CD2  . PHE A 1 7  ? -2.991 1.350  0.104   1.00 36.62  ? 7   PHE A CD2  1 
ATOM   123 C CE1  . PHE A 1 7  ? -4.386 3.667  0.638   1.00 49.11  ? 7   PHE A CE1  1 
ATOM   124 C CE2  . PHE A 1 7  ? -3.547 2.080  -0.934  1.00 39.16  ? 7   PHE A CE2  1 
ATOM   125 C CZ   . PHE A 1 7  ? -4.244 3.240  -0.660  1.00 44.83  ? 7   PHE A CZ   1 
ATOM   126 H H    . PHE A 1 7  ? -0.452 0.398  1.458   1.00 34.01  ? 7   PHE A H    1 
ATOM   127 H HA   . PHE A 1 7  ? -1.166 2.375  3.062   1.00 46.29  ? 7   PHE A HA   1 
ATOM   128 H HB2  . PHE A 1 7  ? -2.506 0.050  2.263   1.00 36.63  ? 7   PHE A HB2  1 
ATOM   129 H HB3  . PHE A 1 7  ? -3.144 1.063  3.307   1.00 36.63  ? 7   PHE A HB3  1 
ATOM   130 H HD1  . PHE A 1 7  ? -3.941 3.226  2.550   1.00 56.79  ? 7   PHE A HD1  1 
ATOM   131 H HD2  . PHE A 1 7  ? -2.527 0.566  -0.081  1.00 44.24  ? 7   PHE A HD2  1 
ATOM   132 H HE1  . PHE A 1 7  ? -4.854 4.449  0.821   1.00 59.23  ? 7   PHE A HE1  1 
ATOM   133 H HE2  . PHE A 1 7  ? -3.450 1.791  -1.813  1.00 47.29  ? 7   PHE A HE2  1 
ATOM   134 H HZ   . PHE A 1 7  ? -4.619 3.733  -1.355  1.00 54.09  ? 7   PHE A HZ   1 
ATOM   135 N N    . ALA A 1 8  ? -0.806 1.604  5.366   1.00 71.42  ? 8   ALA A N    1 
ATOM   136 C CA   . ALA A 1 8  ? -0.405 1.156  6.691   1.00 100.87 ? 8   ALA A CA   1 
ATOM   137 C C    . ALA A 1 8  ? -1.548 1.394  7.667   1.00 142.27 ? 8   ALA A C    1 
ATOM   138 O O    . ALA A 1 8  ? -2.014 2.528  7.823   1.00 165.61 ? 8   ALA A O    1 
ATOM   139 C CB   . ALA A 1 8  ? 0.859  1.882  7.155   1.00 101.81 ? 8   ALA A CB   1 
ATOM   140 H H    . ALA A 1 8  ? -1.034 2.432  5.330   1.00 85.99  ? 8   ALA A H    1 
ATOM   141 H HA   . ALA A 1 8  ? -0.224 0.203  6.665   1.00 121.34 ? 8   ALA A HA   1 
ATOM   142 H HB1  . ALA A 1 8  ? 1.096  1.568  8.042   1.00 122.47 ? 8   ALA A HB1  1 
ATOM   143 H HB2  . ALA A 1 8  ? 1.579  1.693  6.533   1.00 122.47 ? 8   ALA A HB2  1 
ATOM   144 H HB3  . ALA A 1 8  ? 0.684  2.836  7.179   1.00 122.47 ? 8   ALA A HB3  1 
ATOM   145 N N    . ASP A 1 9  ? -2.011 0.322  8.297   1.00 152.18 ? 9   ASP A N    1 
ATOM   146 C CA   . ASP A 1 9  ? -2.874 0.417  9.462   1.00 152.05 ? 9   ASP A CA   1 
ATOM   147 C C    . ASP A 1 9  ? -2.309 -0.559 10.499  1.00 145.64 ? 9   ASP A C    1 
ATOM   148 O O    . ASP A 1 9  ? -2.490 -1.772 10.372  1.00 139.19 ? 9   ASP A O    1 
ATOM   149 C CB   . ASP A 1 9  ? -4.318 0.092  9.118   1.00 155.62 ? 9   ASP A CB   1 
ATOM   150 C CG   . ASP A 1 9  ? -4.971 1.168  8.258   1.00 154.62 ? 9   ASP A CG   1 
ATOM   151 O OD1  . ASP A 1 9  ? -4.829 2.370  8.574   1.00 153.34 ? 9   ASP A OD1  1 
ATOM   152 O OD2  . ASP A 1 9  ? -5.625 0.806  7.257   1.00 153.14 ? 9   ASP A OD2  1 
ATOM   153 H H    . ASP A 1 9  ? -1.836 -0.487 8.063   1.00 182.91 ? 9   ASP A H    1 
ATOM   154 H HA   . ASP A 1 9  ? -2.901 1.319  9.819   1.00 182.75 ? 9   ASP A HA   1 
ATOM   155 H HB2  . ASP A 1 9  ? -4.346 -0.744 8.628   1.00 187.04 ? 9   ASP A HB2  1 
ATOM   156 H HB3  . ASP A 1 9  ? -4.829 0.011  9.939   1.00 187.04 ? 9   ASP A HB3  1 
HETATM 157 N N    . ORN A 1 10 ? 2.575  -3.269 12.690  1.00 119.04 ? 10  ORN A N    1 
HETATM 158 C CA   . ORN A 1 10 ? 1.377  -3.411 11.784  1.00 118.37 ? 10  ORN A CA   1 
HETATM 159 C CB   . ORN A 1 10 ? 0.874  -2.012 11.315  1.00 122.91 ? 10  ORN A CB   1 
HETATM 160 C CG   . ORN A 1 10 ? 0.506  -1.046 12.449  1.00 130.60 ? 10  ORN A CG   1 
HETATM 161 C CD   . ORN A 1 10 ? -1.022 -0.865 12.590  1.00 135.51 ? 10  ORN A CD   1 
HETATM 162 N NE   . ORN A 1 10 ? -1.585 -0.017 11.541  1.00 143.65 ? 10  ORN A NE   1 
HETATM 163 C C    . ORN A 1 10 ? 1.717  -4.246 10.526  1.00 110.47 ? 10  ORN A C    1 
HETATM 164 O O    . ORN A 1 10 ? 2.857  -4.659 10.311  1.00 110.17 ? 10  ORN A O    1 
HETATM 165 H H2   . ORN A 1 10 ? 3.446  -3.620 12.286  1.00 143.14 ? 10  ORN A H2   1 
HETATM 166 H H    . ORN A 1 10 ? 2.785  -2.304 12.955  1.00 143.14 ? 10  ORN A H    1 
HETATM 167 H HA   . ORN A 1 10 ? 0.638  -3.959 12.378  1.00 142.33 ? 10  ORN A HA   1 
HETATM 168 H HB2  . ORN A 1 10 ? 1.672  -1.538 10.725  1.00 147.79 ? 10  ORN A HB2  1 
HETATM 169 H HB3  . ORN A 1 10 ? -0.025 -2.155 10.700  1.00 147.79 ? 10  ORN A HB3  1 
HETATM 170 H HG2  . ORN A 1 10 ? 0.966  -0.070 12.253  1.00 157.01 ? 10  ORN A HG2  1 
HETATM 171 H HG3  . ORN A 1 10 ? 0.911  -1.428 13.392  1.00 157.01 ? 10  ORN A HG3  1 
HETATM 172 H HD2  . ORN A 1 10 ? -1.496 -1.850 12.533  1.00 162.90 ? 10  ORN A HD2  1 
HETATM 173 H HD3  . ORN A 1 10 ? -1.231 -0.405 13.560  1.00 162.90 ? 10  ORN A HD3  1 
HETATM 174 H HE1  . ORN A 1 10 ? -1.433 0.985  11.643  1.00 172.68 ? 10  ORN A HE1  1 
ATOM   175 N N    . ALA A 1 11 ? 0.672  -4.476 9.666   1.00 104.23 ? 11  ALA A N    1 
ATOM   176 C CA   . ALA A 1 11 ? 0.841  -5.216 8.421   1.00 90.59  ? 11  ALA A CA   1 
ATOM   177 C C    . ALA A 1 11 ? 0.581  -4.218 7.290   1.00 75.64  ? 11  ALA A C    1 
ATOM   178 O O    . ALA A 1 11 ? -0.432 -3.515 7.288   1.00 80.32  ? 11  ALA A O    1 
ATOM   179 C CB   . ALA A 1 11 ? -0.089 -6.372 8.333   1.00 90.82  ? 11  ALA A CB   1 
ATOM   180 H H    . ALA A 1 11 ? -0.134 -4.206 9.802   1.00 125.37 ? 11  ALA A H    1 
ATOM   181 H HA   . ALA A 1 11 ? 1.729  -5.599 8.358   1.00 109.00 ? 11  ALA A HA   1 
ATOM   182 H HB1  . ALA A 1 11 ? 0.064  -6.838 7.495   1.00 109.28 ? 11  ALA A HB1  1 
ATOM   183 H HB2  . ALA A 1 11 ? 0.080  -6.971 9.078   1.00 109.28 ? 11  ALA A HB2  1 
ATOM   184 H HB3  . ALA A 1 11 ? -1.002 -6.048 8.369   1.00 109.28 ? 11  ALA A HB3  1 
ATOM   185 N N    . ILE A 1 12 ? 1.480  -4.155 6.340   1.00 52.64  ? 12  ILE A N    1 
ATOM   186 C CA   . ILE A 1 12 ? 1.389  -3.191 5.247   1.00 40.37  ? 12  ILE A CA   1 
ATOM   187 C C    . ILE A 1 12 ? 0.792  -3.883 4.035   1.00 34.56  ? 12  ILE A C    1 
ATOM   188 O O    . ILE A 1 12 ? 1.029  -5.075 3.799   1.00 35.49  ? 12  ILE A O    1 
ATOM   189 C CB   . ILE A 1 12 ? 2.769  -2.594 4.958   1.00 45.56  ? 12  ILE A CB   1 
ATOM   190 C CG1  . ILE A 1 12 ? 3.034  -1.391 5.869   1.00 53.55  ? 12  ILE A CG1  1 
ATOM   191 C CG2  . ILE A 1 12 ? 2.886  -2.128 3.535   1.00 41.89  ? 12  ILE A CG2  1 
ATOM   192 C CD1  . ILE A 1 12 ? 3.254  -1.734 7.307   1.00 58.89  ? 12  ILE A CD1  1 
ATOM   193 H H    . ILE A 1 12 ? 2.170  -4.666 6.298   1.00 63.46  ? 12  ILE A H    1 
ATOM   194 H HA   . ILE A 1 12 ? 0.792  -2.463 5.483   1.00 48.73  ? 12  ILE A HA   1 
ATOM   195 H HB   . ILE A 1 12 ? 3.416  -3.299 5.124   1.00 54.97  ? 12  ILE A HB   1 
ATOM   196 H HG12 . ILE A 1 12 ? 3.828  -0.933 5.552   1.00 64.55  ? 12  ILE A HG12 1 
ATOM   197 H HG13 . ILE A 1 12 ? 2.268  -0.797 5.824   1.00 64.55  ? 12  ILE A HG13 1 
ATOM   198 H HG21 . ILE A 1 12 ? 3.724  -1.652 3.427   1.00 50.56  ? 12  ILE A HG21 1 
ATOM   199 H HG22 . ILE A 1 12 ? 2.866  -2.901 2.948   1.00 50.56  ? 12  ILE A HG22 1 
ATOM   200 H HG23 . ILE A 1 12 ? 2.142  -1.540 3.333   1.00 50.56  ? 12  ILE A HG23 1 
ATOM   201 H HD11 . ILE A 1 12 ? 3.378  -0.914 7.812   1.00 70.96  ? 12  ILE A HD11 1 
ATOM   202 H HD12 . ILE A 1 12 ? 2.479  -2.212 7.641   1.00 70.96  ? 12  ILE A HD12 1 
ATOM   203 H HD13 . ILE A 1 12 ? 4.045  -2.291 7.381   1.00 70.96  ? 12  ILE A HD13 1 
ATOM   204 N N    . ILE A 1 13 ? -0.029 -3.137 3.295   1.00 32.26  ? 13  ILE A N    1 
ATOM   205 C CA   . ILE A 1 13 ? -0.718 -3.660 2.126   1.00 36.26  ? 13  ILE A CA   1 
ATOM   206 C C    . ILE A 1 13 ? -0.347 -2.787 0.941   1.00 40.92  ? 13  ILE A C    1 
ATOM   207 O O    . ILE A 1 13 ? -0.639 -1.582 0.934   1.00 29.45  ? 13  ILE A O    1 
ATOM   208 C CB   . ILE A 1 13 ? -2.232 -3.708 2.312   1.00 39.85  ? 13  ILE A CB   1 
ATOM   209 C CG1  . ILE A 1 13 ? -2.593 -4.671 3.447   1.00 42.29  ? 13  ILE A CG1  1 
ATOM   210 C CG2  . ILE A 1 13 ? -2.921 -4.164 1.037   1.00 39.82  ? 13  ILE A CG2  1 
ATOM   211 C CD1  . ILE A 1 13 ? -3.983 -4.495 3.986   1.00 53.71  ? 13  ILE A CD1  1 
ATOM   212 H H    . ILE A 1 13 ? -0.202 -2.311 3.460   1.00 39.01  ? 13  ILE A H    1 
ATOM   213 H HA   . ILE A 1 13 ? -0.412 -4.564 1.951   1.00 43.81  ? 13  ILE A HA   1 
ATOM   214 H HB   . ILE A 1 13 ? -2.530 -2.811 2.532   1.00 48.11  ? 13  ILE A HB   1 
ATOM   215 H HG12 . ILE A 1 13 ? -2.519 -5.580 3.117   1.00 51.04  ? 13  ILE A HG12 1 
ATOM   216 H HG13 . ILE A 1 13 ? -1.973 -4.532 4.180   1.00 51.04  ? 13  ILE A HG13 1 
ATOM   217 H HG21 . ILE A 1 13 ? -3.876 -4.221 1.198   1.00 48.08  ? 13  ILE A HG21 1 
ATOM   218 H HG22 . ILE A 1 13 ? -2.741 -3.523 0.334   1.00 48.08  ? 13  ILE A HG22 1 
ATOM   219 H HG23 . ILE A 1 13 ? -2.576 -5.036 0.788   1.00 48.08  ? 13  ILE A HG23 1 
ATOM   220 H HD11 . ILE A 1 13 ? -4.129 -5.137 4.699   1.00 64.75  ? 13  ILE A HD11 1 
ATOM   221 H HD12 . ILE A 1 13 ? -4.077 -3.592 4.330   1.00 64.75  ? 13  ILE A HD12 1 
ATOM   222 H HD13 . ILE A 1 13 ? -4.622 -4.645 3.271   1.00 64.75  ? 13  ILE A HD13 1 
ATOM   223 N N    . GLY A 1 14 ? 0.305  -3.387 -0.049  1.00 31.39  ? 14  GLY A N    1 
ATOM   224 C CA   . GLY A 1 14 ? 0.769  -2.671 -1.225  1.00 28.83  ? 14  GLY A CA   1 
ATOM   225 C C    . GLY A 1 14 ? -0.218 -2.873 -2.355  1.00 28.99  ? 14  GLY A C    1 
ATOM   226 O O    . GLY A 1 14 ? -0.591 -4.004 -2.687  1.00 31.10  ? 14  GLY A O    1 
ATOM   227 H H    . GLY A 1 14 ? 0.494  -4.226 -0.061  1.00 37.97  ? 14  GLY A H    1 
ATOM   228 H HA2  . GLY A 1 14 ? 0.840  -1.723 -1.030  1.00 34.89  ? 14  GLY A HA2  1 
ATOM   229 H HA3  . GLY A 1 14 ? 1.637  -3.004 -1.496  1.00 34.89  ? 14  GLY A HA3  1 
ATOM   230 N N    . LEU A 1 15 ? -0.645 -1.765 -2.931  1.00 29.67  ? 15  LEU A N    1 
ATOM   231 C CA   . LEU A 1 15 ? -1.692 -1.775 -3.940  1.00 36.75  ? 15  LEU A CA   1 
ATOM   232 C C    . LEU A 1 15 ? -1.362 -0.736 -5.000  1.00 36.92  ? 15  LEU A C    1 
ATOM   233 O O    . LEU A 1 15 ? -0.926 0.373  -4.676  1.00 36.08  ? 15  LEU A O    1 
ATOM   234 C CB   . LEU A 1 15 ? -3.058 -1.471 -3.324  1.00 39.22  ? 15  LEU A CB   1 
ATOM   235 C CG   . LEU A 1 15 ? -3.722 -2.575 -2.514  1.00 44.85  ? 15  LEU A CG   1 
ATOM   236 C CD1  . LEU A 1 15 ? -4.897 -1.984 -1.754  1.00 43.38  ? 15  LEU A CD1  1 
ATOM   237 C CD2  . LEU A 1 15 ? -4.180 -3.708 -3.402  1.00 43.64  ? 15  LEU A CD2  1 
ATOM   238 H H    . LEU A 1 15 ? -0.339 -0.981 -2.751  1.00 34.14  ? 15  LEU A H    1 
ATOM   239 H HA   . LEU A 1 15 ? -1.737 -2.645 -4.364  1.00 44.40  ? 15  LEU A HA   1 
ATOM   240 H HB2  . LEU A 1 15 ? -2.952 -0.710 -2.730  1.00 47.36  ? 15  LEU A HB2  1 
ATOM   241 H HB3  . LEU A 1 15 ? -3.666 -1.245 -4.045  1.00 47.36  ? 15  LEU A HB3  1 
ATOM   242 H HG   . LEU A 1 15 ? -3.084 -2.949 -1.886  1.00 54.11  ? 15  LEU A HG   1 
ATOM   243 H HD11 . LEU A 1 15 ? -5.347 -2.692 -1.266  1.00 52.35  ? 15  LEU A HD11 1 
ATOM   244 H HD12 . LEU A 1 15 ? -4.568 -1.313 -1.135  1.00 52.35  ? 15  LEU A HD12 1 
ATOM   245 H HD13 . LEU A 1 15 ? -5.510 -1.577 -2.388  1.00 52.35  ? 15  LEU A HD13 1 
ATOM   246 H HD21 . LEU A 1 15 ? -4.602 -4.388 -2.855  1.00 52.66  ? 15  LEU A HD21 1 
ATOM   247 H HD22 . LEU A 1 15 ? -4.816 -3.363 -4.050  1.00 52.66  ? 15  LEU A HD22 1 
ATOM   248 H HD23 . LEU A 1 15 ? -3.411 -4.081 -3.860  1.00 52.66  ? 15  LEU A HD23 1 
ATOM   249 N N    . MET A 1 16 ? -1.561 -1.095 -6.257  1.00 39.73  ? 16  MET A N    1 
ATOM   250 C CA   . MET A 1 16 ? -1.377 -0.148 -7.351  1.00 46.66  ? 16  MET A CA   1 
ATOM   251 C C    . MET A 1 16 ? -2.625 0.738  -7.429  1.00 43.77  ? 16  MET A C    1 
ATOM   252 O O    . MET A 1 16 ? -3.734 0.208  -7.555  1.00 45.99  ? 16  MET A O    1 
ATOM   253 C CB   . MET A 1 16 ? -1.121 -0.901 -8.662  1.00 56.31  ? 16  MET A CB   1 
ATOM   254 C CG   . MET A 1 16 ? 0.176  -1.725 -8.637  1.00 67.85  ? 16  MET A CG   1 
ATOM   255 S SD   . MET A 1 16 ? 0.612  -2.549 -10.187 1.00 83.87  ? 16  MET A SD   1 
ATOM   256 C CE   . MET A 1 16 ? -0.470 -3.977 -10.188 1.00 87.50  ? 16  MET A CE   1 
ATOM   257 H H    . MET A 1 16 ? -1.803 -1.882 -6.507  1.00 47.97  ? 16  MET A H    1 
ATOM   258 H HA   . MET A 1 16 ? -0.598 0.413  -7.212  1.00 56.29  ? 16  MET A HA   1 
ATOM   259 H HB2  . MET A 1 16 ? -1.859 -1.509 -8.824  1.00 67.87  ? 16  MET A HB2  1 
ATOM   260 H HB3  . MET A 1 16 ? -1.053 -0.260 -9.386  1.00 67.87  ? 16  MET A HB3  1 
ATOM   261 H HG2  . MET A 1 16 ? 0.908  -1.132 -8.410  1.00 81.72  ? 16  MET A HG2  1 
ATOM   262 H HG3  . MET A 1 16 ? 0.085  -2.415 -7.961  1.00 81.72  ? 16  MET A HG3  1 
ATOM   263 H HE1  . MET A 1 16 ? -0.311 -4.494 -10.993 1.00 105.30 ? 16  MET A HE1  1 
ATOM   264 H HE2  . MET A 1 16 ? -0.280 -4.518 -9.404  1.00 105.30 ? 16  MET A HE2  1 
ATOM   265 H HE3  . MET A 1 16 ? -1.392 -3.675 -10.165 1.00 105.30 ? 16  MET A HE3  1 
HETATM 266 O O    . HOH B 2 .  ? -1.979 -3.608 9.721   1.00 100.70 ? 101 HOH A O    1 
HETATM 267 O O    . HOH B 2 .  ? -3.859 4.466  9.590   1.00 72.29  ? 102 HOH A O    1 
HETATM 268 O O    . HOH B 2 .  ? -5.811 -1.325 -7.615  1.00 54.59  ? 103 HOH A O    1 
HETATM 269 O O    . HOH B 2 .  ? 3.716  5.269  -3.379  1.00 41.74  ? 104 HOH A O    1 
HETATM 270 O O    . HOH B 2 .  ? -2.405 -3.712 -6.893  1.00 44.65  ? 105 HOH A O    1 
HETATM 271 O O    . HOH B 2 .  ? -1.334 7.413  -6.740  1.00 42.31  ? 106 HOH A O    1 
HETATM 272 O O    . HOH B 2 .  ? -6.366 2.712  -8.994  1.00 52.49  ? 107 HOH A O    1 
HETATM 273 O O    . HOH B 2 .  ? 1.851  7.824  -11.382 1.00 44.16  ? 108 HOH A O    1 
HETATM 274 O O    . HOH B 2 .  ? 5.770  11.642 -7.951  1.00 39.03  ? 109 HOH A O    1 
HETATM 275 O O    . HOH B 2 .  ? 5.064  5.754  -1.604  0.33 42.66  ? 110 HOH A O    1 
# 
loop_
_atom_site_anisotrop.id 
_atom_site_anisotrop.type_symbol 
_atom_site_anisotrop.pdbx_label_atom_id 
_atom_site_anisotrop.pdbx_label_alt_id 
_atom_site_anisotrop.pdbx_label_comp_id 
_atom_site_anisotrop.pdbx_label_asym_id 
_atom_site_anisotrop.pdbx_label_seq_id 
_atom_site_anisotrop.pdbx_PDB_ins_code 
_atom_site_anisotrop.U[1][1] 
_atom_site_anisotrop.U[2][2] 
_atom_site_anisotrop.U[3][3] 
_atom_site_anisotrop.U[1][2] 
_atom_site_anisotrop.U[1][3] 
_atom_site_anisotrop.U[2][3] 
_atom_site_anisotrop.pdbx_auth_seq_id 
_atom_site_anisotrop.pdbx_auth_comp_id 
_atom_site_anisotrop.pdbx_auth_asym_id 
_atom_site_anisotrop.pdbx_auth_atom_id 
1   N N   . VAL A 1  ? 0.4603 0.6522 0.4967 -0.0035 -0.0369 0.1058 1  VAL A N   
2   C CA  . VAL A 1  ? 0.4664 0.6670 0.4956 0.0170  -0.0214 0.1156 1  VAL A CA  
3   C C   . VAL A 1  ? 0.4900 0.6798 0.5064 0.0327  -0.0164 0.1151 1  VAL A C   
4   O O   . VAL A 1  ? 0.4997 0.6551 0.4971 0.0371  -0.0067 0.1118 1  VAL A O   
5   C CB  . VAL A 1  ? 0.4715 0.6499 0.4873 0.0196  -0.0053 0.1185 1  VAL A CB  
6   C CG1 . VAL A 1  ? 0.4461 0.6344 0.4552 0.0414  0.0104  0.1284 1  VAL A CG1 
7   C CG2 . VAL A 1  ? 0.4982 0.6871 0.5260 0.0036  -0.0103 0.1190 1  VAL A CG2 
17  N N   . ORN A 2  ? 0.5234 0.6568 0.5023 0.0542  -0.0221 0.0976 2  ORN A N   
18  C CA  . ORN A 2  ? 0.4976 0.6317 0.4830 0.0426  -0.0211 0.0986 2  ORN A CA  
19  C CB  . ORN A 2  ? 0.4485 0.6198 0.4580 0.0312  -0.0365 0.0992 2  ORN A CB  
20  C CG  . ORN A 2  ? 0.4822 0.6929 0.5031 0.0453  -0.0353 0.1093 2  ORN A CG  
21  C CD  . ORN A 2  ? 0.4905 0.7048 0.5075 0.0556  -0.0199 0.1187 2  ORN A CD  
22  N NE  . ORN A 2  ? 0.5191 0.7395 0.5464 0.0410  -0.0234 0.1186 2  ORN A NE  
23  C C   . ORN A 2  ? 0.4667 0.5631 0.4422 0.0273  -0.0212 0.0895 2  ORN A C   
24  O O   . ORN A 2  ? 0.4872 0.5582 0.4527 0.0239  -0.0238 0.0818 2  ORN A O   
35  N N   . LYS A 3  ? 0.4560 0.5499 0.4349 0.0179  -0.0184 0.0908 3  LYS A N   
36  C CA  . LYS A 3  ? 0.4249 0.4857 0.3957 0.0030  -0.0187 0.0831 3  LYS A CA  
37  C C   . LYS A 3  ? 0.4317 0.5083 0.4200 -0.0159 -0.0304 0.0814 3  LYS A C   
38  O O   . LYS A 3  ? 0.4591 0.5676 0.4616 -0.0147 -0.0323 0.0883 3  LYS A O   
39  C CB  . LYS A 3  ? 0.4885 0.5212 0.4410 0.0104  -0.0005 0.0859 3  LYS A CB  
40  C CG  . LYS A 3  ? 0.5741 0.5964 0.5110 0.0317  0.0143  0.0908 3  LYS A CG  
41  C CD  . LYS A 3  ? 0.7349 0.7316 0.6591 0.0339  0.0131  0.0838 3  LYS A CD  
42  C CE  . LYS A 3  ? 0.8437 0.8251 0.7504 0.0546  0.0298  0.0891 3  LYS A CE  
43  N NZ  . LYS A 3  ? 0.8948 0.8501 0.7875 0.0576  0.0454  0.0907 3  LYS A NZ  
57  N N   . LEU A 4  ? 0.4247 0.4783 0.4117 -0.0334 -0.0380 0.0723 4  LEU A N   
58  C CA  . LEU A 4  ? 0.3933 0.4536 0.3928 -0.0513 -0.0459 0.0710 4  LEU A CA  
59  C C   . LEU A 4  ? 0.3922 0.4347 0.3799 -0.0493 -0.0308 0.0750 4  LEU A C   
60  O O   . LEU A 4  ? 0.4619 0.4691 0.4311 -0.0473 -0.0212 0.0713 4  LEU A O   
61  C CB  . LEU A 4  ? 0.3815 0.4241 0.3844 -0.0706 -0.0599 0.0599 4  LEU A CB  
62  C CG  . LEU A 4  ? 0.4214 0.4631 0.4342 -0.0901 -0.0668 0.0578 4  LEU A CG  
63  C CD1 . LEU A 4  ? 0.3315 0.4144 0.3666 -0.0944 -0.0753 0.0640 4  LEU A CD1 
64  C CD2 . LEU A 4  ? 0.4239 0.4433 0.4379 -0.1079 -0.0796 0.0464 4  LEU A CD2 
76  N N   . VAL A 5  ? 0.3437 0.4110 0.3418 -0.0489 -0.0284 0.0827 5  VAL A N   
77  C CA  . VAL A 5  ? 0.3552 0.4102 0.3427 -0.0452 -0.0132 0.0874 5  VAL A CA  
78  C C   . VAL A 5  ? 0.3806 0.4359 0.3774 -0.0650 -0.0201 0.0855 5  VAL A C   
79  O O   . VAL A 5  ? 0.3880 0.4730 0.4044 -0.0742 -0.0320 0.0872 5  VAL A O   
80  C CB  . VAL A 5  ? 0.3876 0.4699 0.3782 -0.0273 -0.0027 0.0985 5  VAL A CB  
81  C CG1 . VAL A 5  ? 0.4592 0.5296 0.4391 -0.0227 0.0133  0.1032 5  VAL A CG1 
82  C CG2 . VAL A 5  ? 0.3861 0.4685 0.3681 -0.0080 0.0033  0.1007 5  VAL A CG2 
92  C C1  . MEA A 6  ? 0.4752 0.4712 0.4372 -0.0586 0.0048  0.0830 6  MEA A C1  
93  N N   . MEA A 6  ? 0.3915 0.4142 0.3744 -0.0717 -0.0129 0.0816 6  MEA A N   
94  C CA  . MEA A 6  ? 0.3923 0.4135 0.3828 -0.0906 -0.0191 0.0798 6  MEA A CA  
95  C C   . MEA A 6  ? 0.4539 0.4841 0.4421 -0.0851 -0.0058 0.0882 6  MEA A C   
96  O O   . MEA A 6  ? 0.4425 0.4462 0.4135 -0.0808 0.0082  0.0881 6  MEA A O   
97  C CB  . MEA A 6  ? 0.4485 0.4323 0.4279 -0.1037 -0.0207 0.0709 6  MEA A CB  
98  C CG  . MEA A 6  ? 0.4081 0.3892 0.3956 -0.1144 -0.0375 0.0625 6  MEA A CG  
99  C CD1 . MEA A 6  ? 0.4974 0.4520 0.4712 -0.1090 -0.0358 0.0559 6  MEA A CD1 
100 C CE1 . MEA A 6  ? 0.4232 0.3763 0.4046 -0.1186 -0.0509 0.0481 6  MEA A CE1 
101 C CZ  . MEA A 6  ? 0.4047 0.3830 0.4081 -0.1334 -0.0681 0.0466 6  MEA A CZ  
102 C CE2 . MEA A 6  ? 0.4666 0.4716 0.4839 -0.1386 -0.0698 0.0534 6  MEA A CE2 
103 C CD2 . MEA A 6  ? 0.4345 0.4412 0.4441 -0.1294 -0.0548 0.0613 6  MEA A CD2 
115 N N   . PHE A 7  ? 0.3500 0.4177 0.3559 -0.0852 -0.0103 0.0951 7  PHE A N   
116 C CA  . PHE A 7  ? 0.4559 0.5379 0.4627 -0.0803 0.0007  0.1033 7  PHE A CA  
117 C C   . PHE A 7  ? 0.5502 0.6205 0.5579 -0.0985 -0.0016 0.1010 7  PHE A C   
118 O O   . PHE A 7  ? 0.4435 0.5201 0.4645 -0.1162 -0.0168 0.0972 7  PHE A O   
119 C CB  . PHE A 7  ? 0.3513 0.4776 0.3776 -0.0755 -0.0047 0.1112 7  PHE A CB  
120 C CG  . PHE A 7  ? 0.4428 0.5836 0.4674 -0.0549 0.0009  0.1158 7  PHE A CG  
121 C CD1 . PHE A 7  ? 0.5429 0.6874 0.5587 -0.0372 0.0177  0.1233 7  PHE A CD1 
122 C CD2 . PHE A 7  ? 0.4022 0.5544 0.4347 -0.0533 -0.0107 0.1129 7  PHE A CD2 
123 C CE1 . PHE A 7  ? 0.5643 0.7227 0.5791 -0.0182 0.0226  0.1279 7  PHE A CE1 
124 C CE2 . PHE A 7  ? 0.4302 0.5966 0.4612 -0.0345 -0.0057 0.1176 7  PHE A CE2 
125 C CZ  . PHE A 7  ? 0.5039 0.6733 0.5262 -0.0169 0.0110  0.1253 7  PHE A CZ  
135 N N   . ALA A 8  ? 0.8886 0.9424 0.8824 -0.0943 0.0134  0.1034 8  ALA A N   
136 C CA  . ALA A 8  ? 1.2671 1.3066 1.2589 -0.1106 0.0131  0.1012 8  ALA A CA  
137 C C   . ALA A 8  ? 1.7831 1.8436 1.7790 -0.1072 0.0225  0.1098 8  ALA A C   
138 O O   . ALA A 8  ? 2.0825 2.1418 2.0680 -0.0905 0.0384  0.1147 8  ALA A O   
139 C CB  . ALA A 8  ? 1.3012 1.2963 1.2709 -0.1110 0.0224  0.0946 8  ALA A CB  
145 N N   . ASP A 9  ? 1.8964 1.9772 1.9085 -0.1227 0.0125  0.1117 9  ASP A N   
146 C CA  . ASP A 9  ? 1.8890 1.9843 1.9037 -0.1239 0.0205  0.1185 9  ASP A CA  
147 C C   . ASP A 9  ? 1.8100 1.8949 1.8287 -0.1466 0.0118  0.1148 9  ASP A C   
148 O O   . ASP A 9  ? 1.7159 1.8198 1.7528 -0.1610 -0.0040 0.1143 9  ASP A O   
149 C CB  . ASP A 9  ? 1.9133 2.0526 1.9469 -0.1181 0.0172  0.1270 9  ASP A CB  
150 C CG  . ASP A 9  ? 1.8987 2.0487 1.9275 -0.0947 0.0280  0.1320 9  ASP A CG  
151 O OD1 . ASP A 9  ? 1.8946 2.0256 1.9058 -0.0816 0.0445  0.1330 9  ASP A OD1 
152 O OD2 . ASP A 9  ? 1.8660 2.0437 1.9089 -0.0896 0.0198  0.1349 9  ASP A OD2 
157 N N   . ORN A 10 ? 1.5144 1.4917 1.5169 -0.1854 -0.0189 0.0689 10 ORN A N   
158 C CA  . ORN A 10 ? 1.4902 1.5005 1.5067 -0.1920 -0.0240 0.0807 10 ORN A CA  
159 C CB  . ORN A 10 ? 1.5506 1.5623 1.5571 -0.1886 -0.0089 0.0935 10 ORN A CB  
160 C CG  . ORN A 10 ? 1.6550 1.6594 1.6476 -0.1811 0.0093  0.0982 10 ORN A CG  
161 C CD  . ORN A 10 ? 1.7011 1.7431 1.7044 -0.1712 0.0150  0.1083 10 ORN A CD  
162 N NE  . ORN A 10 ? 1.8011 1.8546 1.8023 -0.1501 0.0222  0.1118 10 ORN A NE  
163 C C   . ORN A 10 ? 1.3848 1.4014 1.4111 -0.1897 -0.0383 0.0739 10 ORN A C   
164 O O   . ORN A 10 ? 1.3897 1.3854 1.4106 -0.1822 -0.0420 0.0613 10 ORN A O   
175 N N   . ALA A 11 ? 1.2891 1.3394 1.3318 -0.1939 -0.0450 0.0833 11 ALA A N   
176 C CA  . ALA A 11 ? 1.1102 1.1693 1.1625 -0.1906 -0.0579 0.0776 11 ALA A CA  
177 C C   . ALA A 11 ? 0.9171 0.9860 0.9707 -0.1905 -0.0546 0.0865 11 ALA A C   
178 O O   . ALA A 11 ? 0.9703 1.0583 1.0232 -0.1756 -0.0439 0.0943 11 ALA A O   
179 C CB  . ALA A 11 ? 1.0975 1.1861 1.1673 -0.1910 -0.0677 0.0792 11 ALA A CB  
185 N N   . ILE A 12 ? 0.6338 0.6846 0.6816 -0.1879 -0.0593 0.0789 12 ILE A N   
186 C CA  . ILE A 12 ? 0.4816 0.5318 0.5203 -0.1687 -0.0516 0.0799 12 ILE A CA  
187 C C   . ILE A 12 ? 0.3911 0.4733 0.4487 -0.1669 -0.0649 0.0807 12 ILE A C   
188 O O   . ILE A 12 ? 0.3950 0.4856 0.4679 -0.1819 -0.0814 0.0761 12 ILE A O   
189 C CB  . ILE A 12 ? 0.5673 0.5770 0.5869 -0.1667 -0.0474 0.0715 12 ILE A CB  
190 C CG1 . ILE A 12 ? 0.6845 0.6677 0.6824 -0.1581 -0.0285 0.0732 12 ILE A CG1 
191 C CG2 . ILE A 12 ? 0.5212 0.5329 0.5376 -0.1525 -0.0478 0.0697 12 ILE A CG2 
192 C CD1 . ILE A 12 ? 0.7567 0.7282 0.7526 -0.1727 -0.0270 0.0731 12 ILE A CD1 
204 N N   . ILE A 13 ? 0.3561 0.4569 0.4127 -0.1480 -0.0574 0.0866 13 ILE A N   
205 C CA  . ILE A 13 ? 0.3903 0.5235 0.4639 -0.1439 -0.0682 0.0884 13 ILE A CA  
206 C C   . ILE A 13 ? 0.4567 0.5796 0.5184 -0.1273 -0.0629 0.0863 13 ILE A C   
207 O O   . ILE A 13 ? 0.3180 0.4351 0.3657 -0.1099 -0.0472 0.0911 13 ILE A O   
208 C CB  . ILE A 13 ? 0.4182 0.5904 0.5055 -0.1373 -0.0658 0.0986 13 ILE A CB  
209 C CG1 . ILE A 13 ? 0.4407 0.6247 0.5414 -0.1550 -0.0724 0.1006 13 ILE A CG1 
210 C CG2 . ILE A 13 ? 0.4015 0.6063 0.5051 -0.1317 -0.0764 0.1002 13 ILE A CG2 
211 C CD1 . ILE A 13 ? 0.5723 0.7872 0.6815 -0.1484 -0.0656 0.1110 13 ILE A CD1 
223 N N   . GLY A 14 ? 0.3353 0.4553 0.4021 -0.1328 -0.0758 0.0790 14 GLY A N   
224 C CA  . GLY A 14 ? 0.3100 0.4193 0.3659 -0.1190 -0.0726 0.0761 14 GLY A CA  
225 C C   . GLY A 14 ? 0.2948 0.4412 0.3652 -0.1093 -0.0789 0.0806 14 GLY A C   
226 O O   . GLY A 14 ? 0.3066 0.4779 0.3971 -0.1200 -0.0942 0.0795 14 GLY A O   
230 N N   . LEU A 15 ? 0.3058 0.4556 0.3661 -0.0891 -0.0668 0.0859 15 LEU A N   
231 C CA  . LEU A 15 ? 0.3795 0.5650 0.4519 -0.0774 -0.0702 0.0917 15 LEU A CA  
232 C C   . LEU A 15 ? 0.3902 0.5645 0.4482 -0.0596 -0.0624 0.0914 15 LEU A C   
233 O O   . LEU A 15 ? 0.3949 0.5426 0.4332 -0.0496 -0.0475 0.0922 15 LEU A O   
234 C CB  . LEU A 15 ? 0.3996 0.6121 0.4787 -0.0694 -0.0619 0.1024 15 LEU A CB  
235 C CG  . LEU A 15 ? 0.4567 0.6924 0.5550 -0.0850 -0.0713 0.1047 15 LEU A CG  
236 C CD1 . LEU A 15 ? 0.4316 0.6856 0.5309 -0.0753 -0.0588 0.1150 15 LEU A CD1 
237 C CD2 . LEU A 15 ? 0.4233 0.6910 0.5438 -0.0920 -0.0892 0.1034 15 LEU A CD2 
249 N N   . MET A 16 ? 0.4160 0.6103 0.4834 -0.0559 -0.0724 0.0902 16 MET A N   
250 C CA  . MET A 16 ? 0.5097 0.6981 0.5650 -0.0383 -0.0656 0.0909 16 MET A CA  
251 C C   . MET A 16 ? 0.4654 0.6770 0.5206 -0.0193 -0.0536 0.1022 16 MET A C   
252 O O   . MET A 16 ? 0.4758 0.7233 0.5484 -0.0191 -0.0597 0.1078 16 MET A O   
253 C CB  . MET A 16 ? 0.6238 0.8261 0.6898 -0.0420 -0.0813 0.0851 16 MET A CB  
254 C CG  . MET A 16 ? 0.7783 0.9561 0.8437 -0.0601 -0.0928 0.0733 16 MET A CG  
255 S SD  . MET A 16 ? 0.9733 1.1637 1.0494 -0.0643 -0.1104 0.0653 16 MET A SD  
256 C CE  . MET A 16 ? 0.9948 1.2292 1.1006 -0.0767 -0.1273 0.0674 16 MET A CE  
# 
loop_
_pdbx_poly_seq_scheme.asym_id 
_pdbx_poly_seq_scheme.entity_id 
_pdbx_poly_seq_scheme.seq_id 
_pdbx_poly_seq_scheme.mon_id 
_pdbx_poly_seq_scheme.ndb_seq_num 
_pdbx_poly_seq_scheme.pdb_seq_num 
_pdbx_poly_seq_scheme.auth_seq_num 
_pdbx_poly_seq_scheme.pdb_mon_id 
_pdbx_poly_seq_scheme.auth_mon_id 
_pdbx_poly_seq_scheme.pdb_strand_id 
_pdbx_poly_seq_scheme.pdb_ins_code 
_pdbx_poly_seq_scheme.hetero 
A 1 1  VAL 1  1  1  VAL VAL A . n 
A 1 2  ORN 2  2  2  ORN ORN A . n 
A 1 3  LYS 3  3  3  LYS LYS A . n 
A 1 4  LEU 4  4  4  LEU LEU A . n 
A 1 5  VAL 5  5  5  VAL VAL A . n 
A 1 6  MEA 6  6  6  MEA MEA A . n 
A 1 7  PHE 7  7  7  PHE PHE A . n 
A 1 8  ALA 8  8  8  ALA ALA A . n 
A 1 9  ASP 9  9  9  ASP ASP A . n 
A 1 10 ORN 10 10 10 ORN ORN A . n 
A 1 11 ALA 11 11 11 ALA ALA A . n 
A 1 12 ILE 12 12 12 ILE ILE A . n 
A 1 13 ILE 13 13 13 ILE ILE A . n 
A 1 14 GLY 14 14 14 GLY GLY A . n 
A 1 15 LEU 15 15 15 LEU LEU A . n 
A 1 16 MET 16 16 16 MET MET A . n 
# 
loop_
_pdbx_nonpoly_scheme.asym_id 
_pdbx_nonpoly_scheme.entity_id 
_pdbx_nonpoly_scheme.mon_id 
_pdbx_nonpoly_scheme.ndb_seq_num 
_pdbx_nonpoly_scheme.pdb_seq_num 
_pdbx_nonpoly_scheme.auth_seq_num 
_pdbx_nonpoly_scheme.pdb_mon_id 
_pdbx_nonpoly_scheme.auth_mon_id 
_pdbx_nonpoly_scheme.pdb_strand_id 
_pdbx_nonpoly_scheme.pdb_ins_code 
B 2 HOH 1  101 8  HOH HOH A . 
B 2 HOH 2  102 10 HOH HOH A . 
B 2 HOH 3  103 9  HOH HOH A . 
B 2 HOH 4  104 5  HOH HOH A . 
B 2 HOH 5  105 3  HOH HOH A . 
B 2 HOH 6  106 2  HOH HOH A . 
B 2 HOH 7  107 1  HOH HOH A . 
B 2 HOH 8  108 4  HOH HOH A . 
B 2 HOH 9  109 7  HOH HOH A . 
B 2 HOH 10 110 6  HOH HOH A . 
# 
_pdbx_struct_assembly.id                   1 
_pdbx_struct_assembly.details              author_and_software_defined_assembly 
_pdbx_struct_assembly.method_details       PISA 
_pdbx_struct_assembly.oligomeric_details   hexameric 
_pdbx_struct_assembly.oligomeric_count     6 
# 
_pdbx_struct_assembly_gen.assembly_id       1 
_pdbx_struct_assembly_gen.oper_expression   1,2,3,4,5,6 
_pdbx_struct_assembly_gen.asym_id_list      A,B 
# 
loop_
_pdbx_struct_assembly_prop.biol_id 
_pdbx_struct_assembly_prop.type 
_pdbx_struct_assembly_prop.value 
_pdbx_struct_assembly_prop.details 
1 'ABSA (A^2)' 4930 ? 
1 MORE         -33  ? 
1 'SSA (A^2)'  5470 ? 
# 
loop_
_pdbx_struct_oper_list.id 
_pdbx_struct_oper_list.type 
_pdbx_struct_oper_list.name 
_pdbx_struct_oper_list.symmetry_operation 
_pdbx_struct_oper_list.matrix[1][1] 
_pdbx_struct_oper_list.matrix[1][2] 
_pdbx_struct_oper_list.matrix[1][3] 
_pdbx_struct_oper_list.vector[1] 
_pdbx_struct_oper_list.matrix[2][1] 
_pdbx_struct_oper_list.matrix[2][2] 
_pdbx_struct_oper_list.matrix[2][3] 
_pdbx_struct_oper_list.vector[2] 
_pdbx_struct_oper_list.matrix[3][1] 
_pdbx_struct_oper_list.matrix[3][2] 
_pdbx_struct_oper_list.matrix[3][3] 
_pdbx_struct_oper_list.vector[3] 
1 'identity operation'         1_555  x,y,z                1.0000000000  0.0000000000  0.0000000000  0.0000000000  0.0000000000  1.0000000000  0.0000000000  0.0000000000  0.0000000000  0.0000000000  1.0000000000  0.0000000000  
2 'crystal symmetry operation' 6_456  z-1/2,-x+1/2,-y+1    -0.1130369463 -0.7410064149 -0.6619155096 8.8393601460  -0.5620823679 0.5970300390  -0.5723797204 4.2475511629  0.8193204871  0.3073509813  -0.4839930927 -8.2975477491 
3 'crystal symmetry operation' 12_565 -y+1/2,-z+1,x+1/2    -0.1130369463 -0.5620823679 0.8193204871  10.1849987562 -0.7410064149 0.5970300390  0.3073509813  6.5643663784  -0.6619155096 -0.5723797204 -0.4839930927 4.2661659259  
4 'crystal symmetry operation' 13_456 y-1/4,x+1/4,-z+5/4   -0.8724876039 0.0167421863  -0.4883493424 16.5776236922 0.0167421863  -0.9978017761 -0.0641195360 -2.1180203632 -0.4883493424 -0.0641195360 0.8702893800  4.2559537746  
5 'crystal symmetry operation' 18_545 -x+1/4,z-1/4,y+1/4   -0.3109017744 0.5064198499  0.8042878976  12.9886068184 0.5064198499  -0.6278309030 0.5910730013  -5.6762093318 0.8042878976  0.5910730013  -0.0612673226 -7.5543606354 
6 'crystal symmetry operation' 24_555 -z+3/4,-y+3/4,-x+3/4 0.4094632708  0.7799267465  -0.4733435326 5.7178610519  0.7799267465  -0.5684273989 -0.2619247263 -8.7709822272 -0.4733435326 -0.2619247263 -0.8410358719 2.5740111018 
# 
_pdbx_struct_special_symmetry.id              1 
_pdbx_struct_special_symmetry.PDB_model_num   1 
_pdbx_struct_special_symmetry.auth_asym_id    A 
_pdbx_struct_special_symmetry.auth_comp_id    HOH 
_pdbx_struct_special_symmetry.auth_seq_id     110 
_pdbx_struct_special_symmetry.PDB_ins_code    ? 
_pdbx_struct_special_symmetry.label_asym_id   B 
_pdbx_struct_special_symmetry.label_comp_id   HOH 
_pdbx_struct_special_symmetry.label_seq_id    . 
# 
loop_
_pdbx_audit_revision_history.ordinal 
_pdbx_audit_revision_history.data_content_type 
_pdbx_audit_revision_history.major_revision 
_pdbx_audit_revision_history.minor_revision 
_pdbx_audit_revision_history.revision_date 
1 'Structure model' 1 0 2021-09-08 
2 'Structure model' 1 1 2022-03-16 
3 'Structure model' 1 2 2022-03-30 
4 'Structure model' 1 3 2023-10-18 
# 
_pdbx_audit_revision_details.ordinal             1 
_pdbx_audit_revision_details.revision_ordinal    1 
_pdbx_audit_revision_details.data_content_type   'Structure model' 
_pdbx_audit_revision_details.provider            repository 
_pdbx_audit_revision_details.type                'Initial release' 
_pdbx_audit_revision_details.description         ? 
_pdbx_audit_revision_details.details             ? 
# 
loop_
_pdbx_audit_revision_group.ordinal 
_pdbx_audit_revision_group.revision_ordinal 
_pdbx_audit_revision_group.data_content_type 
_pdbx_audit_revision_group.group 
1 2 'Structure model' 'Database references'    
2 3 'Structure model' 'Database references'    
3 4 'Structure model' 'Data collection'        
4 4 'Structure model' 'Refinement description' 
# 
loop_
_pdbx_audit_revision_category.ordinal 
_pdbx_audit_revision_category.revision_ordinal 
_pdbx_audit_revision_category.data_content_type 
_pdbx_audit_revision_category.category 
1 2 'Structure model' citation                      
2 2 'Structure model' citation_author               
3 3 'Structure model' citation                      
4 3 'Structure model' citation_author               
5 4 'Structure model' chem_comp_atom                
6 4 'Structure model' chem_comp_bond                
7 4 'Structure model' pdbx_initial_refinement_model 
# 
loop_
_pdbx_audit_revision_item.ordinal 
_pdbx_audit_revision_item.revision_ordinal 
_pdbx_audit_revision_item.data_content_type 
_pdbx_audit_revision_item.item 
1  2 'Structure model' '_citation.country'                 
2  2 'Structure model' '_citation.journal_abbrev'          
3  2 'Structure model' '_citation.journal_id_ASTM'         
4  2 'Structure model' '_citation.journal_id_CSD'          
5  2 'Structure model' '_citation.journal_id_ISSN'         
6  2 'Structure model' '_citation.pdbx_database_id_DOI'    
7  2 'Structure model' '_citation.pdbx_database_id_PubMed' 
8  2 'Structure model' '_citation.title'                   
9  2 'Structure model' '_citation.year'                    
10 3 'Structure model' '_citation.journal_volume'          
11 3 'Structure model' '_citation.page_first'              
12 3 'Structure model' '_citation.page_last'               
13 3 'Structure model' '_citation.title'                   
14 3 'Structure model' '_citation_author.identifier_ORCID' 
# 
_pdbx_refine_tls.id               1 
_pdbx_refine_tls.pdbx_refine_id   'X-RAY DIFFRACTION' 
_pdbx_refine_tls.details          ? 
_pdbx_refine_tls.method           refined 
_pdbx_refine_tls.origin_x         -0.1707 
_pdbx_refine_tls.origin_y         0.2858 
_pdbx_refine_tls.origin_z         -0.4221 
_pdbx_refine_tls.T[1][1]          0.3353 
_pdbx_refine_tls.T[1][1]_esd      ? 
_pdbx_refine_tls.T[1][2]          -0.0800 
_pdbx_refine_tls.T[1][2]_esd      ? 
_pdbx_refine_tls.T[1][3]          -0.0303 
_pdbx_refine_tls.T[1][3]_esd      ? 
_pdbx_refine_tls.T[2][2]          0.4296 
_pdbx_refine_tls.T[2][2]_esd      ? 
_pdbx_refine_tls.T[2][3]          0.0911 
_pdbx_refine_tls.T[2][3]_esd      ? 
_pdbx_refine_tls.T[3][3]          0.3573 
_pdbx_refine_tls.T[3][3]_esd      ? 
_pdbx_refine_tls.L[1][1]          0.4023 
_pdbx_refine_tls.L[1][1]_esd      ? 
_pdbx_refine_tls.L[1][2]          0.0575 
_pdbx_refine_tls.L[1][2]_esd      ? 
_pdbx_refine_tls.L[1][3]          0.0521 
_pdbx_refine_tls.L[1][3]_esd      ? 
_pdbx_refine_tls.L[2][2]          0.1325 
_pdbx_refine_tls.L[2][2]_esd      ? 
_pdbx_refine_tls.L[2][3]          0.0271 
_pdbx_refine_tls.L[2][3]_esd      ? 
_pdbx_refine_tls.L[3][3]          0.0711 
_pdbx_refine_tls.L[3][3]_esd      ? 
_pdbx_refine_tls.S[1][1]          0.3467 
_pdbx_refine_tls.S[1][1]_esd      ? 
_pdbx_refine_tls.S[1][2]          0.1279 
_pdbx_refine_tls.S[1][2]_esd      ? 
_pdbx_refine_tls.S[1][3]          -0.0599 
_pdbx_refine_tls.S[1][3]_esd      ? 
_pdbx_refine_tls.S[2][1]          0.0568 
_pdbx_refine_tls.S[2][1]_esd      ? 
_pdbx_refine_tls.S[2][2]          -0.0340 
_pdbx_refine_tls.S[2][2]_esd      ? 
_pdbx_refine_tls.S[2][3]          0.2512 
_pdbx_refine_tls.S[2][3]_esd      ? 
_pdbx_refine_tls.S[3][1]          -0.3251 
_pdbx_refine_tls.S[3][1]_esd      ? 
_pdbx_refine_tls.S[3][2]          -0.7539 
_pdbx_refine_tls.S[3][2]_esd      ? 
_pdbx_refine_tls.S[3][3]          -0.3687 
_pdbx_refine_tls.S[3][3]_esd      ? 
# 
_pdbx_refine_tls_group.id                  1 
_pdbx_refine_tls_group.pdbx_refine_id      'X-RAY DIFFRACTION' 
_pdbx_refine_tls_group.refine_tls_id       1 
_pdbx_refine_tls_group.beg_label_asym_id   ? 
_pdbx_refine_tls_group.beg_label_seq_id    ? 
_pdbx_refine_tls_group.beg_auth_asym_id    A 
_pdbx_refine_tls_group.beg_auth_seq_id     1 
_pdbx_refine_tls_group.beg_PDB_ins_code    ? 
_pdbx_refine_tls_group.end_label_asym_id   ? 
_pdbx_refine_tls_group.end_label_seq_id    ? 
_pdbx_refine_tls_group.end_auth_asym_id    A 
_pdbx_refine_tls_group.end_auth_seq_id     16 
_pdbx_refine_tls_group.end_PDB_ins_code    ? 
_pdbx_refine_tls_group.selection           ? 
_pdbx_refine_tls_group.selection_details   
;chain 'A' and (resid 1 through 16 )
;
# 
loop_
_software.citation_id 
_software.classification 
_software.compiler_name 
_software.compiler_version 
_software.contact_author 
_software.contact_author_email 
_software.date 
_software.description 
_software.dependencies 
_software.hardware 
_software.language 
_software.location 
_software.mods 
_software.name 
_software.os 
_software.os_version 
_software.type 
_software.version 
_software.pdbx_ordinal 
? refinement        ? ? ? ? ? ? ? ? ? ? ? PHENIX      ? ? ? 1.13_2998 1 
? 'data extraction' ? ? ? ? ? ? ? ? ? ? ? PDB_EXTRACT ? ? ? 3.25      2 
? 'data reduction'  ? ? ? ? ? ? ? ? ? ? ? XDS         ? ? ? .         3 
? 'data scaling'    ? ? ? ? ? ? ? ? ? ? ? Aimless     ? ? ? .         4 
? phasing           ? ? ? ? ? ? ? ? ? ? ? PHASER      ? ? ? .         5 
# 
_pdbx_entry_details.entry_id                 7JQS 
_pdbx_entry_details.has_ligand_of_interest   N 
_pdbx_entry_details.compound_details         ? 
_pdbx_entry_details.source_details           ? 
_pdbx_entry_details.nonpolymer_details       ? 
_pdbx_entry_details.sequence_details         ? 
# 
_pdbx_validate_close_contact.id               1 
_pdbx_validate_close_contact.PDB_model_num    1 
_pdbx_validate_close_contact.auth_atom_id_1   O 
_pdbx_validate_close_contact.auth_asym_id_1   A 
_pdbx_validate_close_contact.auth_comp_id_1   ASP 
_pdbx_validate_close_contact.auth_seq_id_1    9 
_pdbx_validate_close_contact.PDB_ins_code_1   ? 
_pdbx_validate_close_contact.label_alt_id_1   ? 
_pdbx_validate_close_contact.auth_atom_id_2   O 
_pdbx_validate_close_contact.auth_asym_id_2   A 
_pdbx_validate_close_contact.auth_comp_id_2   HOH 
_pdbx_validate_close_contact.auth_seq_id_2    101 
_pdbx_validate_close_contact.PDB_ins_code_2   ? 
_pdbx_validate_close_contact.label_alt_id_2   ? 
_pdbx_validate_close_contact.dist             2.01 
# 
loop_
_chem_comp_atom.comp_id 
_chem_comp_atom.atom_id 
_chem_comp_atom.type_symbol 
_chem_comp_atom.pdbx_aromatic_flag 
_chem_comp_atom.pdbx_stereo_config 
_chem_comp_atom.pdbx_ordinal 
ALA N    N N N 1   
ALA CA   C N S 2   
ALA C    C N N 3   
ALA O    O N N 4   
ALA CB   C N N 5   
ALA OXT  O N N 6   
ALA H    H N N 7   
ALA H2   H N N 8   
ALA HA   H N N 9   
ALA HB1  H N N 10  
ALA HB2  H N N 11  
ALA HB3  H N N 12  
ALA HXT  H N N 13  
ASP N    N N N 14  
ASP CA   C N S 15  
ASP C    C N N 16  
ASP O    O N N 17  
ASP CB   C N N 18  
ASP CG   C N N 19  
ASP OD1  O N N 20  
ASP OD2  O N N 21  
ASP OXT  O N N 22  
ASP H    H N N 23  
ASP H2   H N N 24  
ASP HA   H N N 25  
ASP HB2  H N N 26  
ASP HB3  H N N 27  
ASP HD2  H N N 28  
ASP HXT  H N N 29  
GLY N    N N N 30  
GLY CA   C N N 31  
GLY C    C N N 32  
GLY O    O N N 33  
GLY OXT  O N N 34  
GLY H    H N N 35  
GLY H2   H N N 36  
GLY HA2  H N N 37  
GLY HA3  H N N 38  
GLY HXT  H N N 39  
HOH O    O N N 40  
HOH H1   H N N 41  
HOH H2   H N N 42  
ILE N    N N N 43  
ILE CA   C N S 44  
ILE C    C N N 45  
ILE O    O N N 46  
ILE CB   C N S 47  
ILE CG1  C N N 48  
ILE CG2  C N N 49  
ILE CD1  C N N 50  
ILE OXT  O N N 51  
ILE H    H N N 52  
ILE H2   H N N 53  
ILE HA   H N N 54  
ILE HB   H N N 55  
ILE HG12 H N N 56  
ILE HG13 H N N 57  
ILE HG21 H N N 58  
ILE HG22 H N N 59  
ILE HG23 H N N 60  
ILE HD11 H N N 61  
ILE HD12 H N N 62  
ILE HD13 H N N 63  
ILE HXT  H N N 64  
LEU N    N N N 65  
LEU CA   C N S 66  
LEU C    C N N 67  
LEU O    O N N 68  
LEU CB   C N N 69  
LEU CG   C N N 70  
LEU CD1  C N N 71  
LEU CD2  C N N 72  
LEU OXT  O N N 73  
LEU H    H N N 74  
LEU H2   H N N 75  
LEU HA   H N N 76  
LEU HB2  H N N 77  
LEU HB3  H N N 78  
LEU HG   H N N 79  
LEU HD11 H N N 80  
LEU HD12 H N N 81  
LEU HD13 H N N 82  
LEU HD21 H N N 83  
LEU HD22 H N N 84  
LEU HD23 H N N 85  
LEU HXT  H N N 86  
LYS N    N N N 87  
LYS CA   C N S 88  
LYS C    C N N 89  
LYS O    O N N 90  
LYS CB   C N N 91  
LYS CG   C N N 92  
LYS CD   C N N 93  
LYS CE   C N N 94  
LYS NZ   N N N 95  
LYS OXT  O N N 96  
LYS H    H N N 97  
LYS H2   H N N 98  
LYS HA   H N N 99  
LYS HB2  H N N 100 
LYS HB3  H N N 101 
LYS HG2  H N N 102 
LYS HG3  H N N 103 
LYS HD2  H N N 104 
LYS HD3  H N N 105 
LYS HE2  H N N 106 
LYS HE3  H N N 107 
LYS HZ1  H N N 108 
LYS HZ2  H N N 109 
LYS HZ3  H N N 110 
LYS HXT  H N N 111 
MEA C1   C N N 112 
MEA N    N N N 113 
MEA CA   C N S 114 
MEA C    C N N 115 
MEA O    O N N 116 
MEA CB   C N N 117 
MEA CG   C Y N 118 
MEA CD1  C Y N 119 
MEA CE1  C Y N 120 
MEA CZ   C Y N 121 
MEA CE2  C Y N 122 
MEA CD2  C Y N 123 
MEA OXT  O N N 124 
MEA HC1  H N N 125 
MEA HC2  H N N 126 
MEA HC3  H N N 127 
MEA H    H N N 128 
MEA HA   H N N 129 
MEA HB1  H N N 130 
MEA HB2  H N N 131 
MEA HD1  H N N 132 
MEA HE1  H N N 133 
MEA HZ   H N N 134 
MEA HE2  H N N 135 
MEA HD2  H N N 136 
MEA HXT  H N N 137 
MET N    N N N 138 
MET CA   C N S 139 
MET C    C N N 140 
MET O    O N N 141 
MET CB   C N N 142 
MET CG   C N N 143 
MET SD   S N N 144 
MET CE   C N N 145 
MET OXT  O N N 146 
MET H    H N N 147 
MET H2   H N N 148 
MET HA   H N N 149 
MET HB2  H N N 150 
MET HB3  H N N 151 
MET HG2  H N N 152 
MET HG3  H N N 153 
MET HE1  H N N 154 
MET HE2  H N N 155 
MET HE3  H N N 156 
MET HXT  H N N 157 
ORN N    N N N 158 
ORN CA   C N S 159 
ORN CB   C N N 160 
ORN CG   C N N 161 
ORN CD   C N N 162 
ORN NE   N N N 163 
ORN C    C N N 164 
ORN O    O N N 165 
ORN OXT  O N N 166 
ORN H    H N N 167 
ORN H2   H N N 168 
ORN HA   H N N 169 
ORN HB2  H N N 170 
ORN HB3  H N N 171 
ORN HG2  H N N 172 
ORN HG3  H N N 173 
ORN HD2  H N N 174 
ORN HD3  H N N 175 
ORN HE1  H N N 176 
ORN HE2  H N N 177 
ORN HXT  H N N 178 
PHE N    N N N 179 
PHE CA   C N S 180 
PHE C    C N N 181 
PHE O    O N N 182 
PHE CB   C N N 183 
PHE CG   C Y N 184 
PHE CD1  C Y N 185 
PHE CD2  C Y N 186 
PHE CE1  C Y N 187 
PHE CE2  C Y N 188 
PHE CZ   C Y N 189 
PHE OXT  O N N 190 
PHE H    H N N 191 
PHE H2   H N N 192 
PHE HA   H N N 193 
PHE HB2  H N N 194 
PHE HB3  H N N 195 
PHE HD1  H N N 196 
PHE HD2  H N N 197 
PHE HE1  H N N 198 
PHE HE2  H N N 199 
PHE HZ   H N N 200 
PHE HXT  H N N 201 
VAL N    N N N 202 
VAL CA   C N S 203 
VAL C    C N N 204 
VAL O    O N N 205 
VAL CB   C N N 206 
VAL CG1  C N N 207 
VAL CG2  C N N 208 
VAL OXT  O N N 209 
VAL H    H N N 210 
VAL H2   H N N 211 
VAL HA   H N N 212 
VAL HB   H N N 213 
VAL HG11 H N N 214 
VAL HG12 H N N 215 
VAL HG13 H N N 216 
VAL HG21 H N N 217 
VAL HG22 H N N 218 
VAL HG23 H N N 219 
VAL HXT  H N N 220 
# 
loop_
_chem_comp_bond.comp_id 
_chem_comp_bond.atom_id_1 
_chem_comp_bond.atom_id_2 
_chem_comp_bond.value_order 
_chem_comp_bond.pdbx_aromatic_flag 
_chem_comp_bond.pdbx_stereo_config 
_chem_comp_bond.pdbx_ordinal 
ALA N   CA   sing N N 1   
ALA N   H    sing N N 2   
ALA N   H2   sing N N 3   
ALA CA  C    sing N N 4   
ALA CA  CB   sing N N 5   
ALA CA  HA   sing N N 6   
ALA C   O    doub N N 7   
ALA C   OXT  sing N N 8   
ALA CB  HB1  sing N N 9   
ALA CB  HB2  sing N N 10  
ALA CB  HB3  sing N N 11  
ALA OXT HXT  sing N N 12  
ASP N   CA   sing N N 13  
ASP N   H    sing N N 14  
ASP N   H2   sing N N 15  
ASP CA  C    sing N N 16  
ASP CA  CB   sing N N 17  
ASP CA  HA   sing N N 18  
ASP C   O    doub N N 19  
ASP C   OXT  sing N N 20  
ASP CB  CG   sing N N 21  
ASP CB  HB2  sing N N 22  
ASP CB  HB3  sing N N 23  
ASP CG  OD1  doub N N 24  
ASP CG  OD2  sing N N 25  
ASP OD2 HD2  sing N N 26  
ASP OXT HXT  sing N N 27  
GLY N   CA   sing N N 28  
GLY N   H    sing N N 29  
GLY N   H2   sing N N 30  
GLY CA  C    sing N N 31  
GLY CA  HA2  sing N N 32  
GLY CA  HA3  sing N N 33  
GLY C   O    doub N N 34  
GLY C   OXT  sing N N 35  
GLY OXT HXT  sing N N 36  
HOH O   H1   sing N N 37  
HOH O   H2   sing N N 38  
ILE N   CA   sing N N 39  
ILE N   H    sing N N 40  
ILE N   H2   sing N N 41  
ILE CA  C    sing N N 42  
ILE CA  CB   sing N N 43  
ILE CA  HA   sing N N 44  
ILE C   O    doub N N 45  
ILE C   OXT  sing N N 46  
ILE CB  CG1  sing N N 47  
ILE CB  CG2  sing N N 48  
ILE CB  HB   sing N N 49  
ILE CG1 CD1  sing N N 50  
ILE CG1 HG12 sing N N 51  
ILE CG1 HG13 sing N N 52  
ILE CG2 HG21 sing N N 53  
ILE CG2 HG22 sing N N 54  
ILE CG2 HG23 sing N N 55  
ILE CD1 HD11 sing N N 56  
ILE CD1 HD12 sing N N 57  
ILE CD1 HD13 sing N N 58  
ILE OXT HXT  sing N N 59  
LEU N   CA   sing N N 60  
LEU N   H    sing N N 61  
LEU N   H2   sing N N 62  
LEU CA  C    sing N N 63  
LEU CA  CB   sing N N 64  
LEU CA  HA   sing N N 65  
LEU C   O    doub N N 66  
LEU C   OXT  sing N N 67  
LEU CB  CG   sing N N 68  
LEU CB  HB2  sing N N 69  
LEU CB  HB3  sing N N 70  
LEU CG  CD1  sing N N 71  
LEU CG  CD2  sing N N 72  
LEU CG  HG   sing N N 73  
LEU CD1 HD11 sing N N 74  
LEU CD1 HD12 sing N N 75  
LEU CD1 HD13 sing N N 76  
LEU CD2 HD21 sing N N 77  
LEU CD2 HD22 sing N N 78  
LEU CD2 HD23 sing N N 79  
LEU OXT HXT  sing N N 80  
LYS N   CA   sing N N 81  
LYS N   H    sing N N 82  
LYS N   H2   sing N N 83  
LYS CA  C    sing N N 84  
LYS CA  CB   sing N N 85  
LYS CA  HA   sing N N 86  
LYS C   O    doub N N 87  
LYS C   OXT  sing N N 88  
LYS CB  CG   sing N N 89  
LYS CB  HB2  sing N N 90  
LYS CB  HB3  sing N N 91  
LYS CG  CD   sing N N 92  
LYS CG  HG2  sing N N 93  
LYS CG  HG3  sing N N 94  
LYS CD  CE   sing N N 95  
LYS CD  HD2  sing N N 96  
LYS CD  HD3  sing N N 97  
LYS CE  NZ   sing N N 98  
LYS CE  HE2  sing N N 99  
LYS CE  HE3  sing N N 100 
LYS NZ  HZ1  sing N N 101 
LYS NZ  HZ2  sing N N 102 
LYS NZ  HZ3  sing N N 103 
LYS OXT HXT  sing N N 104 
MEA C1  N    sing N N 105 
MEA C1  HC1  sing N N 106 
MEA C1  HC2  sing N N 107 
MEA C1  HC3  sing N N 108 
MEA N   CA   sing N N 109 
MEA N   H    sing N N 110 
MEA CA  C    sing N N 111 
MEA CA  CB   sing N N 112 
MEA CA  HA   sing N N 113 
MEA C   O    doub N N 114 
MEA C   OXT  sing N N 115 
MEA CB  CG   sing N N 116 
MEA CB  HB1  sing N N 117 
MEA CB  HB2  sing N N 118 
MEA CG  CD1  doub Y N 119 
MEA CG  CD2  sing Y N 120 
MEA CD1 CE1  sing Y N 121 
MEA CD1 HD1  sing N N 122 
MEA CE1 CZ   doub Y N 123 
MEA CE1 HE1  sing N N 124 
MEA CZ  CE2  sing Y N 125 
MEA CZ  HZ   sing N N 126 
MEA CE2 CD2  doub Y N 127 
MEA CE2 HE2  sing N N 128 
MEA CD2 HD2  sing N N 129 
MEA OXT HXT  sing N N 130 
MET N   CA   sing N N 131 
MET N   H    sing N N 132 
MET N   H2   sing N N 133 
MET CA  C    sing N N 134 
MET CA  CB   sing N N 135 
MET CA  HA   sing N N 136 
MET C   O    doub N N 137 
MET C   OXT  sing N N 138 
MET CB  CG   sing N N 139 
MET CB  HB2  sing N N 140 
MET CB  HB3  sing N N 141 
MET CG  SD   sing N N 142 
MET CG  HG2  sing N N 143 
MET CG  HG3  sing N N 144 
MET SD  CE   sing N N 145 
MET CE  HE1  sing N N 146 
MET CE  HE2  sing N N 147 
MET CE  HE3  sing N N 148 
MET OXT HXT  sing N N 149 
ORN N   CA   sing N N 150 
ORN N   H    sing N N 151 
ORN N   H2   sing N N 152 
ORN CA  CB   sing N N 153 
ORN CA  C    sing N N 154 
ORN CA  HA   sing N N 155 
ORN CB  CG   sing N N 156 
ORN CB  HB2  sing N N 157 
ORN CB  HB3  sing N N 158 
ORN CG  CD   sing N N 159 
ORN CG  HG2  sing N N 160 
ORN CG  HG3  sing N N 161 
ORN CD  NE   sing N N 162 
ORN CD  HD2  sing N N 163 
ORN CD  HD3  sing N N 164 
ORN NE  HE1  sing N N 165 
ORN NE  HE2  sing N N 166 
ORN C   O    doub N N 167 
ORN C   OXT  sing N N 168 
ORN OXT HXT  sing N N 169 
PHE N   CA   sing N N 170 
PHE N   H    sing N N 171 
PHE N   H2   sing N N 172 
PHE CA  C    sing N N 173 
PHE CA  CB   sing N N 174 
PHE CA  HA   sing N N 175 
PHE C   O    doub N N 176 
PHE C   OXT  sing N N 177 
PHE CB  CG   sing N N 178 
PHE CB  HB2  sing N N 179 
PHE CB  HB3  sing N N 180 
PHE CG  CD1  doub Y N 181 
PHE CG  CD2  sing Y N 182 
PHE CD1 CE1  sing Y N 183 
PHE CD1 HD1  sing N N 184 
PHE CD2 CE2  doub Y N 185 
PHE CD2 HD2  sing N N 186 
PHE CE1 CZ   doub Y N 187 
PHE CE1 HE1  sing N N 188 
PHE CE2 CZ   sing Y N 189 
PHE CE2 HE2  sing N N 190 
PHE CZ  HZ   sing N N 191 
PHE OXT HXT  sing N N 192 
VAL N   CA   sing N N 193 
VAL N   H    sing N N 194 
VAL N   H2   sing N N 195 
VAL CA  C    sing N N 196 
VAL CA  CB   sing N N 197 
VAL CA  HA   sing N N 198 
VAL C   O    doub N N 199 
VAL C   OXT  sing N N 200 
VAL CB  CG1  sing N N 201 
VAL CB  CG2  sing N N 202 
VAL CB  HB   sing N N 203 
VAL CG1 HG11 sing N N 204 
VAL CG1 HG12 sing N N 205 
VAL CG1 HG13 sing N N 206 
VAL CG2 HG21 sing N N 207 
VAL CG2 HG22 sing N N 208 
VAL CG2 HG23 sing N N 209 
VAL OXT HXT  sing N N 210 
# 
_pdbx_audit_support.funding_organization   
'National Institutes of Health/National Institute of General Medical Sciences (NIH/NIGMS)' 
_pdbx_audit_support.country                'United States' 
_pdbx_audit_support.grant_number           GM097562 
_pdbx_audit_support.ordinal                1 
# 
_pdbx_entity_nonpoly.entity_id   2 
_pdbx_entity_nonpoly.name        water 
_pdbx_entity_nonpoly.comp_id     HOH 
# 
_pdbx_initial_refinement_model.id               1 
_pdbx_initial_refinement_model.entity_id_list   ? 
_pdbx_initial_refinement_model.type             'experimental model' 
_pdbx_initial_refinement_model.source_name      PDB 
_pdbx_initial_refinement_model.accession_code   7JQR 
_pdbx_initial_refinement_model.details          ? 
# 
_pdbx_struct_assembly_auth_evidence.id                     1 
_pdbx_struct_assembly_auth_evidence.assembly_id            1 
_pdbx_struct_assembly_auth_evidence.experimental_support   none 
_pdbx_struct_assembly_auth_evidence.details                ? 
# 
